data_2WSK
#
_entry.id   2WSK
#
_cell.length_a   76.852
_cell.length_b   91.937
_cell.length_c   97.596
_cell.angle_alpha   90.00
_cell.angle_beta   90.00
_cell.angle_gamma   90.00
#
_symmetry.space_group_name_H-M   'P 21 21 21'
#
loop_
_entity.id
_entity.type
_entity.pdbx_description
1 polymer 'GLYCOGEN DEBRANCHING ENZYME'
2 non-polymer 'SULFATE ION'
3 water water
#
_entity_poly.entity_id   1
_entity_poly.type   'polypeptide(L)'
_entity_poly.pdbx_seq_one_letter_code
;MTQLAIGKPAPLGAHYDGQGVNFTLFSAHAERVELCVFDANGQEHRYDLPGHSGDIWHGYLPDARPGLRYGYRVHGPWQP
AEGHRFNPAKLLIDPCARQIDGEFKDNPLLHAGHNEPDYRDNAAIAPKCVVVVDHYDWEDDAPPRTPWGSTIIYEAHVKG
LTYLHPEIPVEIRGTYKALGHPVMINYLKQLGITALELLPVAQFASEPRLQRMGLSNYWGYNPVAMFALHPAYACSPETA
LDEFRDAIKALHKAGIEVILDIVLNHSAELDLDGPLFSLRGIDNRSYYWIREDGDYHNWTGCGNTLNLSHPAVVDYASAC
LRYWVETCHVDGFRFDLAAVMGRTPEFRQDAPLFTAIQNCPVLSQVKLIAEPWDIAPGGYQVGNFPPLFAEWNDHFRDAA
RRFWLHYDLPLGAFAGRFAASSDVFKRNGRLPSAAINLVTAHDGFTLRDCVCFNHKHNEANGEENRDGTNNNYSNNHGKE
GLGGSLDLVERRRDSIHALLTTLLLSQGTPMLLAGDEHGHSQHGNNNAYCQDNQLTWLDWSQASSGLTAFTAALIHLRKR
IPALVENRWWEEGDGNVRWLNRYAQPLSTDEWQNGPKQLQILLSDRFLIAINATLEVTEIVLPAGEWHAIPPFAGEDNPV
ITAVWQGPAHGLCVFQR
;
_entity_poly.pdbx_strand_id   A
#
# COMPACT_ATOMS: atom_id res chain seq x y z
N LEU A 4 -2.53 42.42 -6.30
CA LEU A 4 -1.95 41.14 -6.84
C LEU A 4 -1.86 41.19 -8.35
N ALA A 5 -0.76 40.70 -8.90
CA ALA A 5 -0.60 40.67 -10.35
C ALA A 5 -1.54 39.59 -10.88
N ILE A 6 -1.73 39.55 -12.19
CA ILE A 6 -2.60 38.58 -12.81
C ILE A 6 -1.99 37.18 -12.75
N GLY A 7 -0.69 37.06 -12.98
CA GLY A 7 -0.03 35.77 -12.93
C GLY A 7 -0.41 34.87 -14.09
N LYS A 8 -0.25 33.56 -13.88
CA LYS A 8 -0.57 32.57 -14.90
C LYS A 8 -1.45 31.46 -14.32
N PRO A 9 -2.31 30.83 -15.14
CA PRO A 9 -3.20 29.76 -14.72
C PRO A 9 -2.53 28.39 -14.61
N ALA A 10 -1.21 28.40 -14.39
CA ALA A 10 -0.42 27.18 -14.25
C ALA A 10 1.05 27.51 -13.92
N PRO A 11 1.78 26.57 -13.30
CA PRO A 11 1.34 25.24 -12.90
C PRO A 11 0.40 25.25 -11.69
N LEU A 12 -0.03 24.05 -11.29
CA LEU A 12 -0.95 23.90 -10.16
C LEU A 12 -0.19 24.19 -8.88
N GLY A 13 -0.82 24.93 -7.97
CA GLY A 13 -0.16 25.24 -6.72
C GLY A 13 0.54 26.59 -6.68
N ALA A 14 1.48 26.73 -5.75
CA ALA A 14 2.25 27.94 -5.56
C ALA A 14 3.70 27.73 -5.94
N HIS A 15 4.18 28.53 -6.89
CA HIS A 15 5.56 28.42 -7.34
C HIS A 15 6.30 29.76 -7.36
N TYR A 16 7.45 29.78 -6.69
CA TYR A 16 8.29 30.96 -6.61
C TYR A 16 9.14 31.02 -7.86
N ASP A 17 9.41 32.23 -8.37
CA ASP A 17 10.22 32.38 -9.57
C ASP A 17 11.33 33.42 -9.44
N GLY A 18 11.73 33.71 -8.22
CA GLY A 18 12.80 34.68 -8.01
C GLY A 18 12.32 36.10 -7.78
N GLN A 19 11.15 36.46 -8.30
CA GLN A 19 10.64 37.81 -8.14
C GLN A 19 9.24 37.83 -7.52
N GLY A 20 8.80 36.68 -7.02
CA GLY A 20 7.50 36.57 -6.41
C GLY A 20 6.99 35.15 -6.54
N VAL A 21 5.73 34.93 -6.13
CA VAL A 21 5.12 33.61 -6.20
C VAL A 21 3.85 33.63 -7.04
N ASN A 22 3.68 32.60 -7.86
CA ASN A 22 2.50 32.48 -8.71
C ASN A 22 1.54 31.48 -8.06
N PHE A 23 0.35 31.94 -7.69
CA PHE A 23 -0.64 31.09 -7.05
C PHE A 23 -1.75 30.65 -8.01
N THR A 24 -2.03 29.35 -8.00
CA THR A 24 -3.04 28.73 -8.85
C THR A 24 -4.01 27.91 -8.00
N LEU A 25 -5.30 27.91 -8.35
CA LEU A 25 -6.29 27.17 -7.59
C LEU A 25 -7.53 26.85 -8.41
N PHE A 26 -7.88 25.57 -8.47
CA PHE A 26 -9.07 25.15 -9.21
C PHE A 26 -10.34 25.25 -8.40
N SER A 27 -11.42 25.62 -9.07
CA SER A 27 -12.74 25.71 -8.47
C SER A 27 -13.75 26.10 -9.54
N ALA A 28 -14.65 25.17 -9.83
CA ALA A 28 -15.68 25.41 -10.83
C ALA A 28 -16.83 26.22 -10.29
N HIS A 29 -17.09 26.09 -9.00
CA HIS A 29 -18.22 26.79 -8.40
C HIS A 29 -17.92 27.94 -7.45
N ALA A 30 -16.65 28.28 -7.29
CA ALA A 30 -16.28 29.38 -6.40
C ALA A 30 -16.69 30.72 -7.04
N GLU A 31 -17.08 31.69 -6.22
CA GLU A 31 -17.47 32.98 -6.75
C GLU A 31 -16.35 34.00 -6.62
N ARG A 32 -15.41 33.74 -5.73
CA ARG A 32 -14.26 34.61 -5.48
C ARG A 32 -13.27 33.82 -4.66
N VAL A 33 -11.98 34.05 -4.89
CA VAL A 33 -10.93 33.35 -4.16
C VAL A 33 -9.98 34.37 -3.55
N GLU A 34 -9.76 34.27 -2.24
CA GLU A 34 -8.87 35.20 -1.56
C GLU A 34 -7.59 34.53 -1.06
N LEU A 35 -6.46 34.95 -1.61
CA LEU A 35 -5.18 34.42 -1.16
C LEU A 35 -4.99 35.03 0.22
N CYS A 36 -4.65 34.21 1.21
CA CYS A 36 -4.45 34.71 2.56
C CYS A 36 -3.02 34.54 3.03
N VAL A 37 -2.35 35.67 3.27
CA VAL A 37 -0.96 35.66 3.71
C VAL A 37 -0.82 36.12 5.16
N PHE A 38 0.19 35.60 5.86
CA PHE A 38 0.39 35.96 7.27
C PHE A 38 1.75 36.59 7.59
N ASP A 39 1.73 37.69 8.35
CA ASP A 39 2.99 38.34 8.73
C ASP A 39 3.51 37.75 10.04
N ALA A 40 4.62 38.30 10.54
CA ALA A 40 5.26 37.82 11.76
C ALA A 40 4.44 37.99 13.03
N ASN A 41 3.40 38.82 12.96
CA ASN A 41 2.55 39.04 14.13
C ASN A 41 1.30 38.19 14.04
N GLY A 42 1.28 37.26 13.08
CA GLY A 42 0.13 36.39 12.89
C GLY A 42 -1.02 37.12 12.24
N GLN A 43 -0.83 38.41 11.97
CA GLN A 43 -1.85 39.22 11.36
C GLN A 43 -2.07 38.73 9.92
N GLU A 44 -3.34 38.64 9.52
CA GLU A 44 -3.69 38.14 8.19
C GLU A 44 -3.98 39.20 7.13
N HIS A 45 -3.38 39.02 5.96
CA HIS A 45 -3.58 39.92 4.83
C HIS A 45 -4.20 39.15 3.68
N ARG A 46 -5.29 39.70 3.13
CA ARG A 46 -6.03 39.07 2.07
C ARG A 46 -6.03 39.80 0.73
N TYR A 47 -5.94 39.03 -0.35
CA TYR A 47 -5.94 39.58 -1.70
C TYR A 47 -6.76 38.70 -2.63
N ASP A 48 -7.66 39.29 -3.39
CA ASP A 48 -8.46 38.51 -4.35
C ASP A 48 -7.50 38.03 -5.43
N LEU A 49 -7.75 36.85 -5.99
CA LEU A 49 -6.88 36.37 -7.06
C LEU A 49 -7.39 37.00 -8.34
N PRO A 50 -6.58 37.89 -8.93
CA PRO A 50 -6.98 38.56 -10.15
C PRO A 50 -7.36 37.63 -11.28
N GLY A 51 -6.53 36.64 -11.55
CA GLY A 51 -6.78 35.69 -12.63
C GLY A 51 -7.93 34.73 -12.44
N HIS A 52 -8.56 34.34 -13.56
CA HIS A 52 -9.67 33.40 -13.58
C HIS A 52 -9.82 32.82 -14.99
N SER A 53 -8.89 31.98 -15.39
CA SER A 53 -8.93 31.38 -16.72
C SER A 53 -9.63 30.03 -16.66
N GLY A 54 -10.80 29.94 -17.27
CA GLY A 54 -11.53 28.69 -17.23
C GLY A 54 -11.98 28.45 -15.80
N ASP A 55 -11.62 27.29 -15.25
CA ASP A 55 -11.97 26.97 -13.88
C ASP A 55 -10.77 27.10 -12.96
N ILE A 56 -9.76 27.82 -13.44
CA ILE A 56 -8.56 28.03 -12.65
C ILE A 56 -8.43 29.47 -12.20
N TRP A 57 -8.31 29.68 -10.91
CA TRP A 57 -8.16 31.01 -10.37
C TRP A 57 -6.67 31.21 -10.15
N HIS A 58 -6.13 32.35 -10.56
CA HIS A 58 -4.70 32.57 -10.39
C HIS A 58 -4.33 34.01 -10.07
N GLY A 59 -3.10 34.18 -9.60
CA GLY A 59 -2.60 35.51 -9.25
C GLY A 59 -1.12 35.44 -9.00
N TYR A 60 -0.45 36.60 -8.96
CA TYR A 60 0.98 36.64 -8.72
C TYR A 60 1.30 37.65 -7.64
N LEU A 61 2.06 37.22 -6.63
CA LEU A 61 2.43 38.13 -5.57
C LEU A 61 3.90 38.49 -5.72
N PRO A 62 4.17 39.70 -6.24
CA PRO A 62 5.55 40.18 -6.44
C PRO A 62 6.30 40.31 -5.13
N ASP A 63 7.51 39.76 -5.10
CA ASP A 63 8.40 39.80 -3.94
C ASP A 63 8.03 38.83 -2.80
N ALA A 64 7.18 37.85 -3.10
CA ALA A 64 6.80 36.84 -2.11
C ALA A 64 7.96 35.84 -2.10
N ARG A 65 8.51 35.58 -0.92
CA ARG A 65 9.66 34.68 -0.80
C ARG A 65 9.36 33.32 -0.14
N PRO A 66 10.16 32.29 -0.47
CA PRO A 66 9.93 30.98 0.13
C PRO A 66 9.86 31.12 1.65
N GLY A 67 8.95 30.37 2.27
CA GLY A 67 8.79 30.45 3.71
C GLY A 67 7.55 31.24 4.05
N LEU A 68 6.88 31.74 3.01
CA LEU A 68 5.65 32.52 3.17
C LEU A 68 4.49 31.62 3.55
N ARG A 69 3.88 31.89 4.71
CA ARG A 69 2.73 31.11 5.16
C ARG A 69 1.50 31.66 4.46
N TYR A 70 0.67 30.77 3.93
CA TYR A 70 -0.53 31.21 3.25
C TYR A 70 -1.65 30.19 3.33
N GLY A 71 -2.83 30.62 2.89
CA GLY A 71 -4.00 29.77 2.89
C GLY A 71 -5.02 30.41 1.96
N TYR A 72 -6.15 29.75 1.75
CA TYR A 72 -7.16 30.30 0.87
C TYR A 72 -8.49 30.47 1.57
N ARG A 73 -9.27 31.42 1.05
CA ARG A 73 -10.60 31.73 1.57
C ARG A 73 -11.47 31.76 0.31
N VAL A 74 -12.40 30.82 0.21
CA VAL A 74 -13.26 30.73 -0.97
C VAL A 74 -14.72 31.05 -0.72
N HIS A 75 -15.24 32.01 -1.49
CA HIS A 75 -16.62 32.43 -1.38
C HIS A 75 -17.45 31.70 -2.44
N GLY A 76 -18.70 31.43 -2.12
CA GLY A 76 -19.57 30.73 -3.05
C GLY A 76 -20.86 30.35 -2.36
N PRO A 77 -21.73 29.61 -3.05
CA PRO A 77 -23.01 29.19 -2.47
C PRO A 77 -22.93 28.22 -1.30
N TRP A 78 -23.75 28.45 -0.29
CA TRP A 78 -23.80 27.54 0.84
C TRP A 78 -25.14 26.84 0.71
N GLN A 79 -25.20 25.84 -0.16
CA GLN A 79 -26.42 25.09 -0.40
C GLN A 79 -26.30 23.65 0.04
N PRO A 80 -26.65 23.39 1.29
CA PRO A 80 -26.58 22.04 1.82
C PRO A 80 -27.18 21.00 0.85
N ALA A 81 -28.38 21.28 0.35
CA ALA A 81 -29.06 20.35 -0.55
C ALA A 81 -28.42 20.16 -1.94
N GLU A 82 -27.62 21.12 -2.37
CA GLU A 82 -26.98 21.00 -3.69
C GLU A 82 -25.54 20.52 -3.60
N GLY A 83 -25.07 20.30 -2.37
CA GLY A 83 -23.72 19.83 -2.17
C GLY A 83 -22.66 20.91 -2.20
N HIS A 84 -23.09 22.17 -2.07
CA HIS A 84 -22.14 23.28 -2.07
C HIS A 84 -21.85 23.65 -0.63
N ARG A 85 -20.56 23.75 -0.27
CA ARG A 85 -20.17 24.06 1.10
C ARG A 85 -19.18 25.19 1.27
N PHE A 86 -19.32 26.23 0.45
CA PHE A 86 -18.42 27.38 0.51
C PHE A 86 -18.60 28.17 1.81
N ASN A 87 -17.55 28.25 2.61
CA ASN A 87 -17.60 28.97 3.87
C ASN A 87 -16.30 29.75 4.10
N PRO A 88 -16.26 31.02 3.64
CA PRO A 88 -15.08 31.91 3.77
C PRO A 88 -14.64 32.22 5.20
N ALA A 89 -15.43 31.80 6.19
CA ALA A 89 -15.07 32.03 7.58
C ALA A 89 -13.93 31.09 8.01
N LYS A 90 -13.70 30.04 7.22
CA LYS A 90 -12.65 29.06 7.55
C LYS A 90 -11.48 29.10 6.57
N LEU A 91 -10.28 29.25 7.10
CA LEU A 91 -9.05 29.26 6.29
C LEU A 91 -8.90 27.86 5.71
N LEU A 92 -8.65 27.77 4.41
CA LEU A 92 -8.47 26.47 3.73
C LEU A 92 -7.03 26.28 3.29
N ILE A 93 -6.65 25.03 3.08
CA ILE A 93 -5.30 24.72 2.64
C ILE A 93 -5.25 24.55 1.14
N ASP A 94 -4.09 24.87 0.57
CA ASP A 94 -3.88 24.71 -0.86
C ASP A 94 -3.78 23.19 -1.06
N PRO A 95 -4.71 22.59 -1.82
CA PRO A 95 -4.69 21.14 -2.05
C PRO A 95 -3.42 20.64 -2.75
N CYS A 96 -2.65 21.56 -3.33
CA CYS A 96 -1.41 21.20 -4.02
C CYS A 96 -0.17 21.68 -3.23
N ALA A 97 -0.40 22.14 -2.01
CA ALA A 97 0.68 22.63 -1.14
C ALA A 97 1.75 21.57 -0.98
N ARG A 98 3.02 21.96 -1.09
CA ARG A 98 4.10 21.00 -0.95
C ARG A 98 4.62 20.88 0.47
N GLN A 99 4.22 21.80 1.34
CA GLN A 99 4.63 21.75 2.74
C GLN A 99 3.61 22.46 3.59
N ILE A 100 3.22 21.82 4.69
CA ILE A 100 2.24 22.36 5.62
C ILE A 100 2.96 22.73 6.91
N ASP A 101 2.49 23.80 7.54
CA ASP A 101 3.07 24.28 8.79
C ASP A 101 1.98 24.13 9.87
N GLY A 102 2.18 23.21 10.81
CA GLY A 102 1.19 23.02 11.85
C GLY A 102 0.65 21.60 11.92
N GLU A 103 0.00 21.26 13.02
CA GLU A 103 -0.57 19.94 13.22
C GLU A 103 -2.08 20.00 13.15
N PHE A 104 -2.70 18.92 12.70
CA PHE A 104 -4.15 18.87 12.57
C PHE A 104 -4.80 18.25 13.79
N LYS A 105 -4.69 18.91 14.93
CA LYS A 105 -5.30 18.37 16.14
C LYS A 105 -6.77 18.73 16.21
N ASP A 106 -7.56 17.76 16.67
CA ASP A 106 -9.01 17.90 16.81
C ASP A 106 -9.35 19.28 17.40
N ASN A 107 -10.33 19.96 16.79
CA ASN A 107 -10.77 21.27 17.27
C ASN A 107 -12.17 21.61 16.76
N PRO A 108 -13.06 22.09 17.65
CA PRO A 108 -14.43 22.43 17.26
C PRO A 108 -14.56 23.52 16.19
N LEU A 109 -13.55 24.37 16.10
CA LEU A 109 -13.58 25.46 15.13
C LEU A 109 -13.39 24.98 13.69
N LEU A 110 -12.92 23.75 13.52
CA LEU A 110 -12.67 23.19 12.20
C LEU A 110 -13.92 22.83 11.41
N HIS A 111 -14.96 22.38 12.11
CA HIS A 111 -16.19 22.00 11.43
C HIS A 111 -16.73 23.13 10.56
N ALA A 112 -17.12 22.80 9.33
CA ALA A 112 -17.64 23.81 8.40
C ALA A 112 -19.05 24.24 8.82
N GLY A 113 -19.84 23.29 9.31
CA GLY A 113 -21.20 23.57 9.72
C GLY A 113 -22.15 22.60 9.05
N HIS A 114 -23.34 22.44 9.61
CA HIS A 114 -24.30 21.52 9.01
C HIS A 114 -25.23 22.24 8.03
N ASN A 115 -26.35 22.77 8.52
CA ASN A 115 -27.27 23.47 7.63
C ASN A 115 -26.90 24.94 7.46
N GLU A 116 -26.12 25.45 8.40
CA GLU A 116 -25.68 26.83 8.36
C GLU A 116 -24.16 26.86 8.54
N PRO A 117 -23.46 27.68 7.74
CA PRO A 117 -22.01 27.74 7.87
C PRO A 117 -21.59 28.30 9.23
N ASP A 118 -20.65 27.64 9.89
CA ASP A 118 -20.18 28.11 11.18
C ASP A 118 -19.33 29.35 10.91
N TYR A 119 -19.68 30.45 11.57
CA TYR A 119 -19.01 31.72 11.34
C TYR A 119 -17.73 32.01 12.09
N ARG A 120 -17.36 31.16 13.04
CA ARG A 120 -16.14 31.37 13.80
C ARG A 120 -14.90 31.23 12.93
N ASP A 121 -14.01 32.21 12.99
CA ASP A 121 -12.78 32.15 12.20
C ASP A 121 -11.87 31.08 12.82
N ASN A 122 -11.23 30.29 11.97
CA ASN A 122 -10.36 29.20 12.41
C ASN A 122 -8.86 29.43 12.14
N ALA A 123 -8.53 30.60 11.61
CA ALA A 123 -7.13 30.93 11.32
C ALA A 123 -6.15 30.61 12.45
N ALA A 124 -6.54 30.89 13.68
CA ALA A 124 -5.70 30.66 14.84
C ALA A 124 -5.22 29.22 15.03
N ILE A 125 -6.02 28.24 14.63
CA ILE A 125 -5.62 26.84 14.82
C ILE A 125 -5.56 26.00 13.54
N ALA A 126 -5.62 26.66 12.39
CA ALA A 126 -5.58 25.95 11.12
C ALA A 126 -4.17 25.95 10.54
N PRO A 127 -3.60 24.76 10.30
CA PRO A 127 -2.25 24.69 9.75
C PRO A 127 -2.17 25.55 8.50
N LYS A 128 -1.01 26.16 8.26
CA LYS A 128 -0.81 27.02 7.10
C LYS A 128 0.04 26.35 6.03
N CYS A 129 -0.08 26.80 4.80
CA CYS A 129 0.73 26.26 3.72
C CYS A 129 2.01 27.10 3.67
N VAL A 130 3.08 26.54 3.14
CA VAL A 130 4.34 27.26 3.09
C VAL A 130 4.97 27.25 1.70
N VAL A 131 5.18 28.43 1.14
CA VAL A 131 5.80 28.53 -0.18
C VAL A 131 7.18 27.92 -0.05
N VAL A 132 7.57 27.08 -1.01
CA VAL A 132 8.87 26.44 -0.95
C VAL A 132 9.49 26.22 -2.32
N VAL A 133 10.83 26.22 -2.36
CA VAL A 133 11.55 25.98 -3.59
C VAL A 133 12.33 24.67 -3.45
N ASP A 134 12.46 23.94 -4.55
CA ASP A 134 13.19 22.69 -4.54
C ASP A 134 14.45 22.79 -5.38
N HIS A 135 15.61 22.80 -4.73
CA HIS A 135 16.89 22.89 -5.44
C HIS A 135 17.70 21.61 -5.30
N TYR A 136 17.07 20.56 -4.77
CA TYR A 136 17.70 19.27 -4.57
C TYR A 136 18.42 18.80 -5.83
N ASP A 137 19.65 18.33 -5.65
CA ASP A 137 20.48 17.84 -6.75
C ASP A 137 20.40 16.30 -6.77
N TRP A 138 19.81 15.75 -7.82
CA TRP A 138 19.65 14.31 -7.92
C TRP A 138 20.90 13.55 -8.35
N GLU A 139 21.92 14.29 -8.78
CA GLU A 139 23.17 13.68 -9.23
C GLU A 139 22.89 12.63 -10.28
N ASP A 140 23.37 11.41 -10.06
CA ASP A 140 23.19 10.34 -11.05
C ASP A 140 22.11 9.30 -10.72
N ASP A 141 21.15 9.67 -9.88
CA ASP A 141 20.09 8.73 -9.53
C ASP A 141 19.29 8.29 -10.75
N ALA A 142 19.19 6.99 -10.95
CA ALA A 142 18.45 6.43 -12.07
C ALA A 142 17.50 5.34 -11.59
N PRO A 143 16.41 5.09 -12.33
CA PRO A 143 15.46 4.06 -11.91
C PRO A 143 15.96 2.65 -12.21
N PRO A 144 15.97 1.76 -11.20
CA PRO A 144 16.44 0.39 -11.41
C PRO A 144 15.72 -0.31 -12.56
N ARG A 145 14.45 0.02 -12.78
CA ARG A 145 13.67 -0.61 -13.85
C ARG A 145 13.80 -2.13 -13.77
N THR A 146 13.61 -2.68 -12.58
CA THR A 146 13.70 -4.12 -12.39
C THR A 146 12.54 -4.81 -13.09
N PRO A 147 12.84 -5.87 -13.86
CA PRO A 147 11.82 -6.64 -14.59
C PRO A 147 10.73 -7.16 -13.67
N TRP A 148 9.48 -7.09 -14.10
CA TRP A 148 8.38 -7.59 -13.29
C TRP A 148 8.53 -9.07 -12.99
N GLY A 149 9.28 -9.78 -13.83
CA GLY A 149 9.48 -11.20 -13.62
C GLY A 149 10.44 -11.55 -12.50
N SER A 150 11.19 -10.56 -12.04
CA SER A 150 12.16 -10.78 -10.97
C SER A 150 11.85 -9.88 -9.78
N THR A 151 10.63 -9.38 -9.72
CA THR A 151 10.24 -8.49 -8.64
C THR A 151 9.74 -9.20 -7.39
N ILE A 152 10.19 -8.72 -6.24
CA ILE A 152 9.77 -9.25 -4.95
C ILE A 152 9.52 -8.01 -4.11
N ILE A 153 8.25 -7.79 -3.76
CA ILE A 153 7.85 -6.64 -2.99
C ILE A 153 7.88 -6.91 -1.49
N TYR A 154 8.21 -5.88 -0.73
CA TYR A 154 8.32 -5.98 0.72
C TYR A 154 7.47 -4.86 1.30
N GLU A 155 6.31 -5.18 1.88
CA GLU A 155 5.47 -4.13 2.44
C GLU A 155 5.96 -3.72 3.82
N ALA A 156 6.27 -2.45 3.99
CA ALA A 156 6.76 -1.97 5.29
C ALA A 156 6.17 -0.63 5.71
N HIS A 157 6.29 -0.34 7.00
CA HIS A 157 5.81 0.91 7.55
C HIS A 157 7.05 1.72 7.90
N VAL A 158 7.13 2.95 7.40
CA VAL A 158 8.30 3.80 7.63
C VAL A 158 8.79 3.83 9.07
N LYS A 159 7.88 3.95 10.03
CA LYS A 159 8.30 4.00 11.43
C LYS A 159 8.51 2.60 12.00
N GLY A 160 7.50 1.74 11.88
CA GLY A 160 7.60 0.40 12.41
C GLY A 160 8.80 -0.40 11.95
N LEU A 161 9.22 -0.21 10.70
CA LEU A 161 10.35 -0.97 10.15
C LEU A 161 11.67 -0.81 10.90
N THR A 162 11.99 0.41 11.33
CA THR A 162 13.26 0.64 12.02
C THR A 162 13.19 1.30 13.39
N TYR A 163 12.01 1.58 13.91
CA TYR A 163 11.92 2.25 15.19
C TYR A 163 12.65 1.53 16.33
N LEU A 164 12.62 0.21 16.32
CA LEU A 164 13.26 -0.57 17.38
C LEU A 164 14.45 -1.38 16.88
N HIS A 165 15.12 -0.91 15.84
CA HIS A 165 16.27 -1.64 15.32
C HIS A 165 17.56 -1.22 16.00
N PRO A 166 18.18 -2.15 16.75
CA PRO A 166 19.42 -2.01 17.51
C PRO A 166 20.65 -1.51 16.76
N GLU A 167 20.74 -1.84 15.48
CA GLU A 167 21.89 -1.46 14.67
C GLU A 167 21.76 -0.09 14.00
N ILE A 168 20.59 0.51 14.10
CA ILE A 168 20.34 1.82 13.50
C ILE A 168 20.50 2.89 14.58
N PRO A 169 21.34 3.92 14.34
CA PRO A 169 21.55 5.00 15.30
C PRO A 169 20.23 5.49 15.87
N VAL A 170 20.10 5.49 17.19
CA VAL A 170 18.89 5.91 17.86
C VAL A 170 18.19 7.15 17.33
N GLU A 171 18.95 8.16 16.93
CA GLU A 171 18.34 9.40 16.44
C GLU A 171 17.72 9.36 15.05
N ILE A 172 17.76 8.23 14.36
CA ILE A 172 17.15 8.17 13.04
C ILE A 172 16.19 6.99 12.90
N ARG A 173 15.98 6.25 13.98
CA ARG A 173 15.08 5.11 13.92
C ARG A 173 13.64 5.59 13.72
N GLY A 174 12.91 4.92 12.82
CA GLY A 174 11.53 5.30 12.57
C GLY A 174 11.37 6.45 11.58
N THR A 175 12.47 6.88 10.96
CA THR A 175 12.44 7.98 10.00
C THR A 175 12.82 7.57 8.58
N TYR A 176 12.65 8.50 7.65
CA TYR A 176 13.00 8.26 6.25
C TYR A 176 14.49 8.01 6.12
N LYS A 177 15.27 8.60 7.01
CA LYS A 177 16.72 8.45 6.98
C LYS A 177 17.14 7.00 7.21
N ALA A 178 16.39 6.31 8.08
CA ALA A 178 16.69 4.92 8.40
C ALA A 178 16.56 4.00 7.20
N LEU A 179 15.57 4.24 6.35
CA LEU A 179 15.35 3.41 5.17
C LEU A 179 16.61 3.28 4.32
N GLY A 180 17.43 4.32 4.32
CA GLY A 180 18.65 4.31 3.54
C GLY A 180 19.93 4.08 4.31
N HIS A 181 19.83 3.73 5.59
CA HIS A 181 21.04 3.48 6.38
C HIS A 181 21.63 2.13 5.95
N PRO A 182 22.96 2.02 5.87
CA PRO A 182 23.65 0.78 5.46
C PRO A 182 23.08 -0.49 6.06
N VAL A 183 22.61 -0.43 7.31
CA VAL A 183 22.05 -1.60 7.95
C VAL A 183 20.81 -2.12 7.21
N MET A 184 19.89 -1.22 6.88
CA MET A 184 18.67 -1.63 6.18
C MET A 184 18.94 -2.04 4.75
N ILE A 185 19.76 -1.27 4.06
CA ILE A 185 20.08 -1.57 2.67
C ILE A 185 20.70 -2.96 2.56
N ASN A 186 21.60 -3.28 3.47
CA ASN A 186 22.26 -4.59 3.46
C ASN A 186 21.24 -5.69 3.74
N TYR A 187 20.43 -5.49 4.77
CA TYR A 187 19.41 -6.46 5.15
C TYR A 187 18.47 -6.73 3.98
N LEU A 188 17.96 -5.66 3.40
CA LEU A 188 17.07 -5.78 2.26
C LEU A 188 17.73 -6.55 1.13
N LYS A 189 19.00 -6.26 0.83
CA LYS A 189 19.71 -6.96 -0.22
C LYS A 189 19.90 -8.45 0.09
N GLN A 190 20.38 -8.73 1.29
CA GLN A 190 20.60 -10.12 1.70
C GLN A 190 19.30 -10.91 1.74
N LEU A 191 18.20 -10.24 2.08
CA LEU A 191 16.91 -10.92 2.12
C LEU A 191 16.49 -11.21 0.68
N GLY A 192 16.86 -10.33 -0.24
CA GLY A 192 16.55 -10.54 -1.64
C GLY A 192 15.36 -9.80 -2.21
N ILE A 193 14.77 -8.84 -1.49
CA ILE A 193 13.63 -8.13 -2.06
C ILE A 193 14.13 -7.07 -3.03
N THR A 194 13.32 -6.79 -4.05
CA THR A 194 13.70 -5.80 -5.04
C THR A 194 12.92 -4.50 -4.92
N ALA A 195 11.72 -4.57 -4.35
CA ALA A 195 10.89 -3.38 -4.21
C ALA A 195 10.35 -3.14 -2.82
N LEU A 196 10.71 -2.00 -2.24
CA LEU A 196 10.26 -1.64 -0.91
C LEU A 196 8.97 -0.81 -1.02
N GLU A 197 7.84 -1.39 -0.62
CA GLU A 197 6.57 -0.69 -0.68
C GLU A 197 6.23 -0.10 0.69
N LEU A 198 6.10 1.23 0.74
CA LEU A 198 5.83 1.93 1.98
C LEU A 198 4.37 2.34 2.17
N LEU A 199 3.85 2.16 3.38
CA LEU A 199 2.52 2.64 3.73
C LEU A 199 2.46 4.16 3.67
N PRO A 200 1.28 4.68 3.35
CA PRO A 200 1.15 6.04 2.81
C PRO A 200 2.14 7.01 3.47
N VAL A 201 2.80 7.83 2.66
CA VAL A 201 3.74 8.82 3.18
C VAL A 201 3.30 10.23 2.82
N ALA A 202 2.17 10.35 2.15
CA ALA A 202 1.60 11.64 1.81
C ALA A 202 1.11 12.16 3.15
N GLN A 203 1.47 13.39 3.50
CA GLN A 203 1.07 13.95 4.79
C GLN A 203 -0.37 13.63 5.14
N PHE A 204 -0.57 12.99 6.29
CA PHE A 204 -1.90 12.63 6.71
C PHE A 204 -2.17 13.10 8.13
N ALA A 205 -3.43 13.01 8.55
CA ALA A 205 -3.81 13.43 9.89
C ALA A 205 -4.45 12.26 10.61
N SER A 206 -4.72 12.44 11.89
CA SER A 206 -5.41 11.42 12.67
C SER A 206 -6.85 11.91 12.74
N GLU A 207 -7.79 11.06 12.36
CA GLU A 207 -9.20 11.46 12.38
C GLU A 207 -9.58 11.92 13.78
N PRO A 208 -10.59 12.80 13.86
CA PRO A 208 -11.03 13.29 15.17
C PRO A 208 -11.46 12.15 16.10
N ARG A 209 -12.18 11.17 15.57
CA ARG A 209 -12.62 10.07 16.41
C ARG A 209 -11.43 9.36 17.06
N LEU A 210 -10.31 9.28 16.34
CA LEU A 210 -9.13 8.63 16.88
C LEU A 210 -8.49 9.46 18.01
N GLN A 211 -8.36 10.77 17.80
CA GLN A 211 -7.76 11.64 18.81
C GLN A 211 -8.59 11.66 20.10
N ARG A 212 -9.91 11.55 19.98
CA ARG A 212 -10.77 11.58 21.16
C ARG A 212 -10.69 10.27 21.94
N MET A 213 -10.11 9.24 21.33
CA MET A 213 -10.00 7.96 22.01
C MET A 213 -8.61 7.76 22.57
N GLY A 214 -7.77 8.78 22.43
CA GLY A 214 -6.40 8.71 22.92
C GLY A 214 -5.51 7.91 21.99
N LEU A 215 -5.95 7.74 20.76
CA LEU A 215 -5.21 6.98 19.76
C LEU A 215 -4.70 7.89 18.63
N SER A 216 -4.13 7.29 17.60
CA SER A 216 -3.65 8.05 16.45
C SER A 216 -3.81 7.18 15.21
N ASN A 217 -3.60 7.77 14.04
CA ASN A 217 -3.71 6.97 12.82
C ASN A 217 -2.30 6.49 12.54
N TYR A 218 -2.10 5.18 12.63
CA TYR A 218 -0.78 4.60 12.41
C TYR A 218 -0.47 4.31 10.94
N TRP A 219 -1.38 3.66 10.24
CA TRP A 219 -1.16 3.33 8.84
C TRP A 219 -0.99 4.56 7.95
N GLY A 220 -1.84 5.57 8.14
CA GLY A 220 -1.74 6.79 7.36
C GLY A 220 -2.66 6.93 6.15
N TYR A 221 -3.72 6.13 6.09
CA TYR A 221 -4.67 6.19 4.97
C TYR A 221 -5.69 7.32 5.19
N ASN A 222 -5.18 8.50 5.54
CA ASN A 222 -6.04 9.66 5.81
C ASN A 222 -5.32 10.96 5.41
N PRO A 223 -5.00 11.12 4.11
CA PRO A 223 -4.31 12.28 3.55
C PRO A 223 -4.98 13.63 3.70
N VAL A 224 -4.19 14.64 4.05
CA VAL A 224 -4.66 16.00 4.23
C VAL A 224 -4.00 16.93 3.21
N ALA A 225 -2.85 16.51 2.70
CA ALA A 225 -2.10 17.28 1.70
C ALA A 225 -1.33 16.26 0.85
N MET A 226 -1.97 15.84 -0.24
CA MET A 226 -1.40 14.82 -1.12
C MET A 226 -0.08 15.17 -1.81
N PHE A 227 0.28 16.45 -1.80
CA PHE A 227 1.56 16.87 -2.41
C PHE A 227 2.64 17.07 -1.35
N ALA A 228 2.30 16.87 -0.08
CA ALA A 228 3.26 17.05 1.00
C ALA A 228 3.72 15.74 1.62
N LEU A 229 5.01 15.67 1.96
CA LEU A 229 5.57 14.48 2.58
C LEU A 229 5.27 14.56 4.08
N HIS A 230 4.70 13.49 4.64
CA HIS A 230 4.36 13.42 6.06
C HIS A 230 5.61 13.77 6.88
N PRO A 231 5.59 14.91 7.58
CA PRO A 231 6.71 15.39 8.41
C PRO A 231 7.07 14.61 9.68
N ALA A 232 6.10 13.92 10.27
CA ALA A 232 6.36 13.16 11.48
C ALA A 232 7.38 12.03 11.28
N TYR A 233 7.45 11.47 10.08
CA TYR A 233 8.39 10.40 9.80
C TYR A 233 9.77 10.93 9.45
N ALA A 234 9.93 12.25 9.48
CA ALA A 234 11.21 12.84 9.14
C ALA A 234 12.11 13.13 10.32
N CYS A 235 13.41 12.98 10.09
CA CYS A 235 14.41 13.26 11.10
C CYS A 235 14.47 14.79 11.16
N SER A 236 14.39 15.42 9.98
CA SER A 236 14.39 16.87 9.84
C SER A 236 13.09 17.30 9.15
N PRO A 237 12.02 17.47 9.94
CA PRO A 237 10.68 17.87 9.49
C PRO A 237 10.62 19.04 8.52
N GLU A 238 11.19 20.18 8.90
CA GLU A 238 11.17 21.35 8.04
C GLU A 238 11.91 21.11 6.73
N THR A 239 12.40 19.89 6.54
CA THR A 239 13.13 19.55 5.33
C THR A 239 13.13 18.03 5.12
N ALA A 240 11.95 17.44 5.31
CA ALA A 240 11.74 16.01 5.19
C ALA A 240 11.98 15.45 3.78
N LEU A 241 11.51 16.16 2.76
CA LEU A 241 11.67 15.69 1.39
C LEU A 241 13.12 15.42 1.00
N ASP A 242 14.05 16.26 1.45
CA ASP A 242 15.46 16.06 1.12
C ASP A 242 15.95 14.77 1.76
N GLU A 243 15.52 14.56 3.00
CA GLU A 243 15.89 13.38 3.76
C GLU A 243 15.42 12.11 3.07
N PHE A 244 14.16 12.12 2.65
CA PHE A 244 13.56 10.97 1.99
C PHE A 244 14.27 10.66 0.67
N ARG A 245 14.53 11.70 -0.12
CA ARG A 245 15.19 11.51 -1.39
C ARG A 245 16.63 11.02 -1.24
N ASP A 246 17.25 11.30 -0.09
CA ASP A 246 18.61 10.83 0.15
C ASP A 246 18.52 9.32 0.36
N ALA A 247 17.50 8.90 1.10
CA ALA A 247 17.32 7.48 1.36
C ALA A 247 17.04 6.79 0.02
N ILE A 248 16.26 7.44 -0.83
CA ILE A 248 15.92 6.87 -2.14
C ILE A 248 17.16 6.70 -3.03
N LYS A 249 18.10 7.64 -2.97
CA LYS A 249 19.31 7.53 -3.79
C LYS A 249 20.03 6.25 -3.39
N ALA A 250 20.22 6.07 -2.08
CA ALA A 250 20.90 4.92 -1.53
C ALA A 250 20.24 3.63 -2.00
N LEU A 251 18.94 3.51 -1.76
CA LEU A 251 18.21 2.31 -2.18
C LEU A 251 18.40 2.06 -3.68
N HIS A 252 18.32 3.12 -4.49
CA HIS A 252 18.51 2.96 -5.93
C HIS A 252 19.91 2.47 -6.25
N LYS A 253 20.90 2.94 -5.49
CA LYS A 253 22.29 2.53 -5.72
C LYS A 253 22.44 1.03 -5.49
N ALA A 254 21.67 0.50 -4.53
CA ALA A 254 21.73 -0.93 -4.22
C ALA A 254 20.79 -1.72 -5.13
N GLY A 255 20.22 -1.05 -6.13
CA GLY A 255 19.33 -1.73 -7.04
C GLY A 255 17.95 -2.04 -6.47
N ILE A 256 17.54 -1.29 -5.46
CA ILE A 256 16.24 -1.48 -4.84
C ILE A 256 15.25 -0.37 -5.23
N GLU A 257 14.04 -0.76 -5.61
CA GLU A 257 13.01 0.22 -5.99
C GLU A 257 12.16 0.67 -4.79
N VAL A 258 11.46 1.79 -4.95
CA VAL A 258 10.59 2.32 -3.90
C VAL A 258 9.19 2.52 -4.45
N ILE A 259 8.20 1.88 -3.81
CA ILE A 259 6.79 1.96 -4.22
C ILE A 259 5.98 2.61 -3.11
N LEU A 260 5.22 3.64 -3.44
CA LEU A 260 4.41 4.32 -2.46
C LEU A 260 2.96 3.84 -2.42
N ASP A 261 2.49 3.48 -1.23
CA ASP A 261 1.11 3.08 -1.08
C ASP A 261 0.47 4.47 -1.11
N ILE A 262 -0.60 4.66 -1.89
CA ILE A 262 -1.18 5.99 -1.97
C ILE A 262 -2.70 5.97 -2.07
N VAL A 263 -3.35 6.93 -1.41
CA VAL A 263 -4.81 7.00 -1.45
C VAL A 263 -5.25 8.25 -2.23
N LEU A 264 -6.06 8.03 -3.25
CA LEU A 264 -6.57 9.11 -4.07
C LEU A 264 -8.09 9.08 -3.99
N ASN A 265 -8.60 8.08 -3.29
CA ASN A 265 -10.05 7.87 -3.16
C ASN A 265 -10.80 8.71 -2.12
N HIS A 266 -10.09 9.27 -1.15
CA HIS A 266 -10.75 10.09 -0.13
C HIS A 266 -9.78 10.99 0.62
N SER A 267 -10.34 11.97 1.35
CA SER A 267 -9.53 12.93 2.09
C SER A 267 -9.80 12.85 3.59
N ALA A 268 -8.96 13.54 4.36
CA ALA A 268 -9.09 13.58 5.80
C ALA A 268 -10.27 14.46 6.24
N GLU A 269 -11.06 14.94 5.28
CA GLU A 269 -12.21 15.77 5.62
C GLU A 269 -13.38 14.88 6.04
N LEU A 270 -13.23 13.59 5.80
CA LEU A 270 -14.23 12.59 6.16
C LEU A 270 -15.63 13.02 5.71
N ASP A 271 -16.66 12.70 6.50
CA ASP A 271 -18.02 13.07 6.12
C ASP A 271 -18.42 14.50 6.53
N LEU A 272 -19.70 14.80 6.40
CA LEU A 272 -20.20 16.13 6.74
C LEU A 272 -19.96 16.50 8.21
N ASP A 273 -19.60 15.51 9.02
CA ASP A 273 -19.32 15.74 10.44
C ASP A 273 -17.82 15.93 10.68
N GLY A 274 -17.02 15.76 9.63
CA GLY A 274 -15.58 15.90 9.75
C GLY A 274 -15.05 17.32 9.60
N PRO A 275 -13.74 17.51 9.82
CA PRO A 275 -13.12 18.84 9.71
C PRO A 275 -13.04 19.38 8.28
N LEU A 276 -13.09 20.71 8.17
CA LEU A 276 -13.00 21.39 6.89
C LEU A 276 -11.53 21.76 6.73
N PHE A 277 -10.88 21.19 5.72
CA PHE A 277 -9.45 21.46 5.48
C PHE A 277 -9.18 22.08 4.12
N SER A 278 -9.80 21.52 3.08
CA SER A 278 -9.57 22.01 1.73
C SER A 278 -10.71 21.78 0.74
N LEU A 279 -10.67 20.63 0.07
CA LEU A 279 -11.66 20.27 -0.93
C LEU A 279 -13.11 20.66 -0.64
N ARG A 280 -13.58 20.40 0.57
CA ARG A 280 -14.95 20.72 0.91
C ARG A 280 -15.26 22.20 0.71
N GLY A 281 -14.35 23.06 1.16
CA GLY A 281 -14.56 24.49 1.03
C GLY A 281 -14.10 25.13 -0.27
N ILE A 282 -13.37 24.37 -1.09
CA ILE A 282 -12.89 24.90 -2.36
C ILE A 282 -13.89 24.60 -3.47
N ASP A 283 -14.39 23.36 -3.49
CA ASP A 283 -15.37 22.96 -4.48
C ASP A 283 -15.88 21.56 -4.16
N ASN A 284 -16.69 21.48 -3.12
CA ASN A 284 -17.23 20.21 -2.69
C ASN A 284 -17.92 19.45 -3.82
N ARG A 285 -18.71 20.18 -4.61
CA ARG A 285 -19.47 19.61 -5.72
C ARG A 285 -18.65 18.96 -6.81
N SER A 286 -17.50 19.55 -7.10
CA SER A 286 -16.62 19.02 -8.13
C SER A 286 -15.70 17.90 -7.64
N TYR A 287 -15.03 18.12 -6.51
CA TYR A 287 -14.09 17.13 -5.94
C TYR A 287 -14.65 15.80 -5.50
N TYR A 288 -15.84 15.82 -4.89
CA TYR A 288 -16.46 14.62 -4.37
C TYR A 288 -17.70 14.13 -5.11
N TRP A 289 -17.99 12.86 -4.90
CA TRP A 289 -19.17 12.22 -5.48
C TRP A 289 -20.33 12.53 -4.55
N ILE A 290 -21.21 13.44 -4.95
CA ILE A 290 -22.35 13.82 -4.13
C ILE A 290 -23.63 13.12 -4.62
N ARG A 291 -24.49 12.71 -3.69
CA ARG A 291 -25.73 12.06 -4.09
C ARG A 291 -26.83 13.09 -4.29
N GLU A 292 -28.01 12.64 -4.69
CA GLU A 292 -29.13 13.55 -4.95
C GLU A 292 -29.54 14.45 -3.78
N ASP A 293 -29.21 14.05 -2.55
CA ASP A 293 -29.57 14.86 -1.40
C ASP A 293 -28.45 15.77 -0.88
N GLY A 294 -27.37 15.89 -1.65
CA GLY A 294 -26.28 16.76 -1.26
C GLY A 294 -25.23 16.15 -0.34
N ASP A 295 -25.56 15.02 0.28
CA ASP A 295 -24.61 14.36 1.18
C ASP A 295 -23.63 13.56 0.32
N TYR A 296 -22.61 12.98 0.94
CA TYR A 296 -21.60 12.21 0.21
C TYR A 296 -21.94 10.77 -0.13
N HIS A 297 -21.33 10.28 -1.21
CA HIS A 297 -21.48 8.89 -1.57
C HIS A 297 -20.33 8.29 -0.78
N ASN A 298 -20.63 7.38 0.14
CA ASN A 298 -19.58 6.78 0.96
C ASN A 298 -19.08 5.46 0.39
N TRP A 299 -18.59 5.50 -0.84
CA TRP A 299 -18.11 4.30 -1.52
C TRP A 299 -16.75 3.76 -1.02
N THR A 300 -16.04 4.56 -0.25
CA THR A 300 -14.75 4.16 0.27
C THR A 300 -14.91 3.69 1.71
N GLY A 301 -16.05 4.02 2.31
CA GLY A 301 -16.30 3.63 3.69
C GLY A 301 -15.51 4.52 4.62
N CYS A 302 -14.96 5.61 4.09
CA CYS A 302 -14.17 6.52 4.90
C CYS A 302 -14.85 7.86 5.14
N GLY A 303 -16.01 8.07 4.51
CA GLY A 303 -16.71 9.33 4.71
C GLY A 303 -17.00 10.02 3.39
N ASN A 304 -16.02 10.04 2.49
CA ASN A 304 -16.20 10.67 1.20
C ASN A 304 -15.48 9.88 0.12
N THR A 305 -15.77 10.22 -1.14
CA THR A 305 -15.15 9.56 -2.27
C THR A 305 -14.84 10.61 -3.31
N LEU A 306 -13.55 10.81 -3.60
CA LEU A 306 -13.17 11.79 -4.61
C LEU A 306 -13.74 11.34 -5.94
N ASN A 307 -14.17 12.30 -6.76
CA ASN A 307 -14.69 11.95 -8.07
C ASN A 307 -13.49 11.93 -9.01
N LEU A 308 -12.84 10.78 -9.11
CA LEU A 308 -11.67 10.63 -9.95
C LEU A 308 -11.94 10.61 -11.45
N SER A 309 -13.19 10.86 -11.84
CA SER A 309 -13.56 10.89 -13.26
C SER A 309 -13.73 12.34 -13.74
N HIS A 310 -13.80 13.28 -12.79
CA HIS A 310 -13.95 14.68 -13.12
C HIS A 310 -12.63 15.19 -13.69
N PRO A 311 -12.65 15.79 -14.89
CA PRO A 311 -11.46 16.32 -15.55
C PRO A 311 -10.51 17.16 -14.69
N ALA A 312 -11.06 18.02 -13.83
CA ALA A 312 -10.19 18.84 -12.98
C ALA A 312 -9.58 17.99 -11.89
N VAL A 313 -10.32 16.97 -11.44
CA VAL A 313 -9.82 16.07 -10.42
C VAL A 313 -8.76 15.14 -11.05
N VAL A 314 -8.99 14.71 -12.28
CA VAL A 314 -8.05 13.85 -13.01
C VAL A 314 -6.73 14.61 -13.18
N ASP A 315 -6.83 15.89 -13.54
CA ASP A 315 -5.64 16.71 -13.70
C ASP A 315 -4.91 16.72 -12.37
N TYR A 316 -5.64 17.07 -11.32
CA TYR A 316 -5.13 17.14 -9.96
C TYR A 316 -4.46 15.83 -9.52
N ALA A 317 -5.18 14.73 -9.67
CA ALA A 317 -4.66 13.43 -9.29
C ALA A 317 -3.40 13.07 -10.08
N SER A 318 -3.52 13.05 -11.41
CA SER A 318 -2.38 12.72 -12.27
C SER A 318 -1.19 13.66 -12.03
N ALA A 319 -1.47 14.91 -11.69
CA ALA A 319 -0.40 15.86 -11.43
C ALA A 319 0.33 15.44 -10.14
N CYS A 320 -0.43 14.92 -9.18
CA CYS A 320 0.10 14.47 -7.89
C CYS A 320 1.01 13.28 -8.08
N LEU A 321 0.54 12.30 -8.85
CA LEU A 321 1.31 11.10 -9.14
C LEU A 321 2.60 11.47 -9.87
N ARG A 322 2.50 12.43 -10.79
CA ARG A 322 3.65 12.87 -11.58
C ARG A 322 4.67 13.55 -10.66
N TYR A 323 4.17 14.33 -9.70
CA TYR A 323 5.03 15.03 -8.75
C TYR A 323 5.95 14.06 -7.99
N TRP A 324 5.35 13.00 -7.44
CA TRP A 324 6.12 12.00 -6.68
C TRP A 324 7.16 11.25 -7.52
N VAL A 325 6.90 11.14 -8.82
CA VAL A 325 7.84 10.46 -9.70
C VAL A 325 8.93 11.41 -10.15
N GLU A 326 8.54 12.61 -10.59
CA GLU A 326 9.51 13.59 -11.08
C GLU A 326 10.35 14.28 -10.00
N THR A 327 9.73 14.61 -8.88
CA THR A 327 10.44 15.28 -7.80
C THR A 327 11.03 14.30 -6.79
N CYS A 328 10.35 13.18 -6.57
CA CYS A 328 10.81 12.21 -5.59
C CYS A 328 11.45 10.96 -6.19
N HIS A 329 11.20 10.71 -7.47
CA HIS A 329 11.77 9.55 -8.16
C HIS A 329 11.33 8.19 -7.64
N VAL A 330 10.08 8.06 -7.19
CA VAL A 330 9.62 6.76 -6.72
C VAL A 330 9.51 5.90 -7.97
N ASP A 331 9.47 4.58 -7.78
CA ASP A 331 9.44 3.66 -8.91
C ASP A 331 8.08 3.10 -9.27
N GLY A 332 7.06 3.42 -8.47
CA GLY A 332 5.73 2.93 -8.73
C GLY A 332 4.75 3.26 -7.62
N PHE A 333 3.49 2.91 -7.83
CA PHE A 333 2.46 3.18 -6.84
C PHE A 333 1.59 1.95 -6.58
N ARG A 334 0.98 1.95 -5.41
CA ARG A 334 0.08 0.90 -4.98
C ARG A 334 -1.15 1.69 -4.54
N PHE A 335 -2.22 1.60 -5.31
CA PHE A 335 -3.45 2.35 -5.06
C PHE A 335 -4.46 1.72 -4.10
N ASP A 336 -4.70 2.41 -3.00
CA ASP A 336 -5.66 2.01 -1.97
C ASP A 336 -7.07 2.16 -2.58
N LEU A 337 -7.94 1.17 -2.34
CA LEU A 337 -9.31 1.19 -2.88
C LEU A 337 -9.29 1.73 -4.32
N ALA A 338 -8.46 1.10 -5.16
CA ALA A 338 -8.28 1.50 -6.55
C ALA A 338 -9.53 1.60 -7.43
N ALA A 339 -10.57 0.83 -7.13
CA ALA A 339 -11.78 0.86 -7.94
C ALA A 339 -12.33 2.27 -8.14
N VAL A 340 -12.08 3.16 -7.19
CA VAL A 340 -12.57 4.54 -7.29
C VAL A 340 -11.95 5.26 -8.50
N MET A 341 -10.76 4.83 -8.89
CA MET A 341 -10.06 5.43 -10.03
C MET A 341 -10.81 5.21 -11.35
N GLY A 342 -11.50 4.07 -11.47
CA GLY A 342 -12.22 3.78 -12.69
C GLY A 342 -13.68 4.18 -12.59
N ARG A 343 -14.08 4.56 -11.39
CA ARG A 343 -15.46 4.93 -11.18
C ARG A 343 -15.91 6.24 -11.79
N THR A 344 -16.58 6.14 -12.92
CA THR A 344 -17.20 7.30 -13.53
C THR A 344 -18.42 6.97 -12.68
N PRO A 345 -19.63 7.17 -13.17
CA PRO A 345 -20.52 6.71 -12.08
C PRO A 345 -20.20 5.22 -11.86
N GLU A 346 -20.09 4.46 -12.95
CA GLU A 346 -19.77 3.03 -12.88
C GLU A 346 -18.29 2.79 -13.20
N PHE A 347 -17.76 1.63 -12.80
CA PHE A 347 -16.37 1.32 -13.06
C PHE A 347 -16.12 1.02 -14.53
N ARG A 348 -15.15 1.71 -15.11
CA ARG A 348 -14.79 1.53 -16.52
C ARG A 348 -13.27 1.46 -16.66
N GLN A 349 -12.79 0.44 -17.37
CA GLN A 349 -11.36 0.26 -17.57
C GLN A 349 -10.78 1.39 -18.42
N ASP A 350 -11.66 2.15 -19.07
CA ASP A 350 -11.27 3.26 -19.92
C ASP A 350 -11.60 4.61 -19.27
N ALA A 351 -11.82 4.60 -17.96
CA ALA A 351 -12.15 5.82 -17.24
C ALA A 351 -11.05 6.87 -17.41
N PRO A 352 -11.41 8.16 -17.32
CA PRO A 352 -10.50 9.31 -17.47
C PRO A 352 -9.13 9.17 -16.79
N LEU A 353 -9.13 8.82 -15.50
CA LEU A 353 -7.86 8.68 -14.79
C LEU A 353 -6.98 7.62 -15.44
N PHE A 354 -7.57 6.49 -15.78
CA PHE A 354 -6.81 5.40 -16.40
C PHE A 354 -6.19 5.85 -17.72
N THR A 355 -6.99 6.46 -18.59
CA THR A 355 -6.45 6.90 -19.88
C THR A 355 -5.42 8.02 -19.68
N ALA A 356 -5.62 8.86 -18.66
CA ALA A 356 -4.69 9.95 -18.38
C ALA A 356 -3.37 9.35 -17.90
N ILE A 357 -3.46 8.29 -17.11
CA ILE A 357 -2.26 7.65 -16.59
C ILE A 357 -1.53 6.92 -17.73
N GLN A 358 -2.30 6.24 -18.57
CA GLN A 358 -1.73 5.49 -19.68
C GLN A 358 -1.13 6.38 -20.76
N ASN A 359 -1.65 7.60 -20.92
CA ASN A 359 -1.11 8.50 -21.92
C ASN A 359 -0.04 9.44 -21.33
N CYS A 360 0.14 9.40 -20.02
CA CYS A 360 1.17 10.23 -19.41
C CYS A 360 2.49 9.52 -19.66
N PRO A 361 3.42 10.17 -20.37
CA PRO A 361 4.71 9.55 -20.66
C PRO A 361 5.50 9.14 -19.41
N VAL A 362 5.31 9.89 -18.33
CA VAL A 362 6.02 9.60 -17.09
C VAL A 362 5.37 8.49 -16.28
N LEU A 363 4.09 8.64 -15.96
CA LEU A 363 3.38 7.64 -15.17
C LEU A 363 3.25 6.27 -15.83
N SER A 364 3.19 6.25 -17.17
CA SER A 364 3.04 4.98 -17.89
C SER A 364 4.34 4.18 -17.81
N GLN A 365 5.38 4.81 -17.30
CA GLN A 365 6.70 4.19 -17.20
C GLN A 365 7.00 3.58 -15.83
N VAL A 366 6.16 3.88 -14.83
CA VAL A 366 6.39 3.32 -13.50
C VAL A 366 5.49 2.13 -13.18
N LYS A 367 5.76 1.45 -12.08
CA LYS A 367 4.96 0.31 -11.68
C LYS A 367 3.62 0.75 -11.08
N LEU A 368 2.55 0.19 -11.60
CA LEU A 368 1.21 0.53 -11.16
C LEU A 368 0.49 -0.70 -10.57
N ILE A 369 0.20 -0.64 -9.27
CA ILE A 369 -0.47 -1.73 -8.56
C ILE A 369 -1.77 -1.27 -7.93
N ALA A 370 -2.80 -2.08 -8.08
CA ALA A 370 -4.10 -1.74 -7.54
C ALA A 370 -4.74 -2.75 -6.58
N GLU A 371 -5.49 -2.22 -5.62
CA GLU A 371 -6.29 -3.02 -4.68
C GLU A 371 -7.56 -2.85 -5.51
N PRO A 372 -7.86 -3.84 -6.35
CA PRO A 372 -8.96 -3.76 -7.31
C PRO A 372 -10.32 -3.86 -6.62
N TRP A 373 -10.70 -2.82 -5.89
CA TRP A 373 -12.05 -2.69 -5.36
C TRP A 373 -12.28 -1.57 -4.38
N ASP A 374 -13.56 -1.39 -4.04
CA ASP A 374 -14.00 -0.46 -3.02
C ASP A 374 -15.17 -1.21 -2.35
N ILE A 375 -15.83 -0.60 -1.37
CA ILE A 375 -16.90 -1.30 -0.67
C ILE A 375 -18.33 -1.04 -1.16
N ALA A 376 -18.46 -0.29 -2.24
CA ALA A 376 -19.78 0.00 -2.77
C ALA A 376 -20.21 -1.03 -3.80
N PRO A 377 -21.52 -1.21 -4.00
CA PRO A 377 -21.99 -2.19 -4.98
C PRO A 377 -21.40 -1.86 -6.35
N GLY A 378 -20.78 -2.85 -6.97
CA GLY A 378 -20.16 -2.64 -8.27
C GLY A 378 -18.71 -2.21 -8.15
N GLY A 379 -18.19 -2.21 -6.93
CA GLY A 379 -16.82 -1.81 -6.71
C GLY A 379 -15.85 -2.98 -6.70
N TYR A 380 -16.39 -4.17 -6.88
CA TYR A 380 -15.58 -5.37 -6.90
C TYR A 380 -15.00 -5.54 -8.31
N GLN A 381 -13.76 -5.13 -8.52
CA GLN A 381 -13.17 -5.21 -9.85
C GLN A 381 -11.94 -6.12 -10.04
N VAL A 382 -11.89 -7.23 -9.31
CA VAL A 382 -10.78 -8.16 -9.45
C VAL A 382 -10.64 -8.58 -10.91
N GLY A 383 -9.43 -8.45 -11.46
CA GLY A 383 -9.19 -8.82 -12.85
C GLY A 383 -9.77 -7.89 -13.90
N ASN A 384 -10.26 -6.71 -13.49
CA ASN A 384 -10.86 -5.80 -14.45
C ASN A 384 -10.14 -4.45 -14.55
N PHE A 385 -8.85 -4.44 -14.23
CA PHE A 385 -8.07 -3.22 -14.30
C PHE A 385 -7.27 -3.14 -15.61
N PRO A 386 -6.93 -1.92 -16.04
CA PRO A 386 -6.18 -1.74 -17.28
C PRO A 386 -4.93 -2.63 -17.33
N PRO A 387 -4.60 -3.14 -18.52
CA PRO A 387 -3.43 -4.01 -18.69
C PRO A 387 -2.10 -3.42 -18.21
N LEU A 388 -2.08 -2.15 -17.83
CA LEU A 388 -0.84 -1.57 -17.33
C LEU A 388 -0.70 -1.84 -15.83
N PHE A 389 -1.83 -2.07 -15.17
CA PHE A 389 -1.86 -2.31 -13.72
C PHE A 389 -1.77 -3.77 -13.31
N ALA A 390 -1.11 -3.98 -12.16
CA ALA A 390 -1.02 -5.30 -11.59
C ALA A 390 -2.11 -5.20 -10.51
N GLU A 391 -2.56 -6.30 -9.95
CA GLU A 391 -3.60 -6.24 -8.92
C GLU A 391 -3.30 -7.07 -7.67
N TRP A 392 -3.67 -6.55 -6.51
CA TRP A 392 -3.49 -7.31 -5.28
C TRP A 392 -4.39 -8.53 -5.43
N ASN A 393 -3.87 -9.71 -5.13
CA ASN A 393 -4.64 -10.93 -5.25
C ASN A 393 -5.08 -11.42 -3.86
N ASP A 394 -6.10 -10.77 -3.30
CA ASP A 394 -6.62 -11.14 -1.99
C ASP A 394 -7.22 -12.55 -1.95
N HIS A 395 -7.62 -13.07 -3.10
CA HIS A 395 -8.18 -14.41 -3.13
C HIS A 395 -7.07 -15.44 -2.91
N PHE A 396 -5.83 -15.04 -3.18
CA PHE A 396 -4.67 -15.91 -3.00
C PHE A 396 -4.41 -16.00 -1.50
N ARG A 397 -4.63 -14.88 -0.83
CA ARG A 397 -4.48 -14.74 0.61
C ARG A 397 -5.39 -15.73 1.33
N ASP A 398 -6.67 -15.70 1.00
CA ASP A 398 -7.63 -16.58 1.65
C ASP A 398 -7.49 -18.03 1.17
N ALA A 399 -7.31 -18.22 -0.13
CA ALA A 399 -7.16 -19.57 -0.67
C ALA A 399 -5.99 -20.30 -0.03
N ALA A 400 -4.84 -19.63 0.04
CA ALA A 400 -3.65 -20.23 0.63
C ALA A 400 -3.87 -20.55 2.11
N ARG A 401 -4.47 -19.61 2.85
CA ARG A 401 -4.72 -19.84 4.27
C ARG A 401 -5.62 -21.06 4.46
N ARG A 402 -6.69 -21.11 3.70
CA ARG A 402 -7.62 -22.22 3.80
C ARG A 402 -6.99 -23.55 3.43
N PHE A 403 -6.08 -23.55 2.45
CA PHE A 403 -5.43 -24.77 2.01
C PHE A 403 -4.51 -25.35 3.07
N TRP A 404 -3.78 -24.49 3.77
CA TRP A 404 -2.83 -24.93 4.77
C TRP A 404 -3.31 -24.91 6.22
N LEU A 405 -4.35 -24.12 6.50
CA LEU A 405 -4.86 -23.99 7.85
C LEU A 405 -6.26 -24.59 8.09
N HIS A 406 -7.05 -24.72 7.03
CA HIS A 406 -8.41 -25.27 7.15
C HIS A 406 -8.62 -26.63 6.51
N TYR A 407 -7.77 -26.97 5.54
CA TYR A 407 -7.88 -28.26 4.86
C TYR A 407 -9.24 -28.46 4.17
N ASP A 408 -9.87 -27.36 3.75
CA ASP A 408 -11.18 -27.45 3.09
C ASP A 408 -11.20 -26.76 1.73
N LEU A 409 -10.04 -26.66 1.10
CA LEU A 409 -9.93 -26.05 -0.22
C LEU A 409 -9.56 -27.12 -1.26
N PRO A 410 -10.34 -27.20 -2.35
CA PRO A 410 -10.09 -28.19 -3.41
C PRO A 410 -8.65 -28.13 -3.91
N LEU A 411 -8.08 -29.30 -4.17
CA LEU A 411 -6.70 -29.35 -4.65
C LEU A 411 -6.58 -28.53 -5.93
N GLY A 412 -7.65 -28.52 -6.71
CA GLY A 412 -7.64 -27.79 -7.96
C GLY A 412 -7.58 -26.28 -7.79
N ALA A 413 -8.33 -25.77 -6.82
CA ALA A 413 -8.36 -24.33 -6.55
C ALA A 413 -6.97 -23.85 -6.20
N PHE A 414 -6.28 -24.60 -5.34
CA PHE A 414 -4.91 -24.22 -4.94
C PHE A 414 -3.95 -24.23 -6.14
N ALA A 415 -3.99 -25.29 -6.93
CA ALA A 415 -3.13 -25.38 -8.09
C ALA A 415 -3.38 -24.15 -8.95
N GLY A 416 -4.62 -23.67 -8.94
CA GLY A 416 -4.98 -22.50 -9.73
C GLY A 416 -4.31 -21.24 -9.21
N ARG A 417 -4.36 -21.04 -7.89
CA ARG A 417 -3.76 -19.88 -7.27
C ARG A 417 -2.23 -19.89 -7.44
N PHE A 418 -1.65 -21.08 -7.38
CA PHE A 418 -0.20 -21.23 -7.54
C PHE A 418 0.25 -20.84 -8.94
N ALA A 419 -0.59 -21.12 -9.93
CA ALA A 419 -0.28 -20.81 -11.33
C ALA A 419 -0.67 -19.38 -11.72
N ALA A 420 -0.38 -18.43 -10.84
CA ALA A 420 -0.67 -17.01 -11.06
C ALA A 420 -2.13 -16.68 -11.32
N SER A 421 -3.04 -17.50 -10.79
CA SER A 421 -4.47 -17.27 -10.96
C SER A 421 -4.87 -16.90 -12.39
N SER A 422 -4.49 -17.75 -13.34
CA SER A 422 -4.79 -17.53 -14.75
C SER A 422 -6.26 -17.16 -14.98
N ASP A 423 -7.15 -17.91 -14.34
CA ASP A 423 -8.59 -17.69 -14.48
C ASP A 423 -9.01 -16.26 -14.13
N VAL A 424 -8.03 -15.43 -13.80
CA VAL A 424 -8.32 -14.04 -13.43
C VAL A 424 -7.49 -13.03 -14.21
N PHE A 425 -6.23 -13.36 -14.50
CA PHE A 425 -5.37 -12.44 -15.23
C PHE A 425 -5.01 -12.92 -16.64
N LYS A 426 -5.33 -14.17 -16.92
CA LYS A 426 -5.05 -14.78 -18.22
C LYS A 426 -5.99 -14.24 -19.30
N ARG A 427 -6.01 -12.92 -19.47
CA ARG A 427 -6.85 -12.27 -20.47
C ARG A 427 -6.14 -11.03 -20.96
N ASN A 428 -6.64 -10.42 -22.03
CA ASN A 428 -6.01 -9.23 -22.59
C ASN A 428 -4.54 -9.60 -22.80
N GLY A 429 -3.67 -8.61 -22.74
CA GLY A 429 -2.26 -8.87 -22.91
C GLY A 429 -1.59 -8.90 -21.55
N ARG A 430 -2.30 -9.40 -20.56
CA ARG A 430 -1.78 -9.46 -19.20
C ARG A 430 -0.93 -10.69 -18.90
N LEU A 431 0.17 -10.48 -18.19
CA LEU A 431 1.09 -11.54 -17.82
C LEU A 431 0.89 -11.99 -16.37
N PRO A 432 1.48 -13.14 -16.00
CA PRO A 432 1.34 -13.66 -14.64
C PRO A 432 1.72 -12.65 -13.55
N SER A 433 2.58 -11.71 -13.90
CA SER A 433 3.03 -10.71 -12.93
C SER A 433 1.97 -9.70 -12.51
N ALA A 434 0.84 -9.70 -13.20
CA ALA A 434 -0.24 -8.77 -12.86
C ALA A 434 -0.85 -9.24 -11.53
N ALA A 435 -0.55 -10.48 -11.18
CA ALA A 435 -1.05 -11.07 -9.96
C ALA A 435 -0.08 -10.85 -8.82
N ILE A 436 -0.41 -9.92 -7.94
CA ILE A 436 0.42 -9.64 -6.77
C ILE A 436 -0.06 -10.60 -5.68
N ASN A 437 0.62 -11.75 -5.55
CA ASN A 437 0.25 -12.74 -4.55
C ASN A 437 0.72 -12.34 -3.16
N LEU A 438 -0.17 -12.49 -2.18
CA LEU A 438 0.12 -12.16 -0.79
C LEU A 438 -0.59 -13.14 0.13
N VAL A 439 0.02 -13.43 1.27
CA VAL A 439 -0.59 -14.32 2.25
C VAL A 439 -1.11 -13.45 3.38
N THR A 440 -0.49 -12.28 3.51
CA THR A 440 -0.83 -11.32 4.53
C THR A 440 -0.42 -9.92 4.05
N ALA A 441 -0.79 -8.90 4.81
CA ALA A 441 -0.45 -7.52 4.50
C ALA A 441 -0.69 -6.72 5.77
N HIS A 442 -0.55 -5.40 5.69
CA HIS A 442 -0.74 -4.54 6.85
C HIS A 442 -2.08 -4.78 7.55
N ASP A 443 -3.12 -5.07 6.76
CA ASP A 443 -4.43 -5.31 7.33
C ASP A 443 -4.56 -6.80 7.61
N GLY A 444 -5.23 -7.16 8.70
CA GLY A 444 -5.37 -8.57 9.04
C GLY A 444 -4.27 -9.10 9.95
N PHE A 445 -4.19 -10.41 10.09
CA PHE A 445 -3.18 -11.06 10.94
C PHE A 445 -1.80 -11.09 10.29
N THR A 446 -0.75 -11.07 11.08
CA THR A 446 0.59 -11.20 10.52
C THR A 446 0.64 -12.69 10.21
N LEU A 447 1.67 -13.15 9.51
CA LEU A 447 1.73 -14.56 9.20
C LEU A 447 1.71 -15.42 10.47
N ARG A 448 2.52 -15.04 11.46
CA ARG A 448 2.58 -15.79 12.72
C ARG A 448 1.22 -15.87 13.43
N ASP A 449 0.51 -14.75 13.52
CA ASP A 449 -0.79 -14.74 14.19
C ASP A 449 -1.83 -15.62 13.50
N CYS A 450 -1.62 -15.91 12.22
CA CYS A 450 -2.55 -16.77 11.48
C CYS A 450 -2.49 -18.19 12.04
N VAL A 451 -1.35 -18.54 12.64
CA VAL A 451 -1.20 -19.89 13.19
C VAL A 451 -1.24 -19.90 14.71
N CYS A 452 -1.48 -18.74 15.33
CA CYS A 452 -1.58 -18.62 16.79
C CYS A 452 -2.93 -18.10 17.29
N PHE A 453 -3.79 -17.64 16.38
CA PHE A 453 -5.10 -17.11 16.77
C PHE A 453 -6.27 -17.55 15.91
N ASN A 454 -7.38 -17.91 16.55
CA ASN A 454 -8.60 -18.30 15.83
C ASN A 454 -9.52 -17.08 15.76
N HIS A 455 -9.41 -16.22 16.76
CA HIS A 455 -10.23 -15.02 16.86
C HIS A 455 -9.34 -13.80 16.85
N LYS A 456 -9.94 -12.65 16.55
CA LYS A 456 -9.17 -11.41 16.54
C LYS A 456 -9.23 -10.89 17.97
N HIS A 457 -8.24 -10.09 18.35
CA HIS A 457 -8.15 -9.51 19.69
C HIS A 457 -7.87 -8.03 19.49
N ASN A 458 -8.88 -7.31 19.01
CA ASN A 458 -8.76 -5.88 18.71
C ASN A 458 -9.28 -4.93 19.79
N GLU A 459 -9.57 -5.43 20.99
CA GLU A 459 -10.08 -4.56 22.06
C GLU A 459 -9.30 -3.27 22.28
N ALA A 460 -8.01 -3.27 21.94
CA ALA A 460 -7.18 -2.08 22.12
C ALA A 460 -7.62 -0.96 21.15
N ASN A 461 -8.28 -1.34 20.06
CA ASN A 461 -8.74 -0.36 19.08
C ASN A 461 -9.95 0.39 19.61
N GLY A 462 -10.48 -0.05 20.74
CA GLY A 462 -11.60 0.62 21.38
C GLY A 462 -12.98 0.40 20.80
N GLU A 463 -13.18 -0.65 20.02
CA GLU A 463 -14.49 -0.89 19.43
C GLU A 463 -15.13 -2.20 19.86
N GLU A 464 -14.66 -2.78 20.95
CA GLU A 464 -15.22 -4.04 21.46
C GLU A 464 -15.14 -5.19 20.46
N ASN A 465 -14.03 -5.26 19.74
CA ASN A 465 -13.77 -6.31 18.74
C ASN A 465 -14.73 -6.37 17.56
N ARG A 466 -15.42 -5.27 17.32
CA ARG A 466 -16.38 -5.20 16.23
C ARG A 466 -15.64 -4.91 14.92
N ASP A 467 -14.47 -4.30 15.02
CA ASP A 467 -13.70 -3.94 13.85
C ASP A 467 -12.79 -5.05 13.33
N GLY A 468 -12.34 -4.90 12.10
CA GLY A 468 -11.46 -5.88 11.50
C GLY A 468 -12.24 -7.01 10.86
N THR A 469 -11.64 -7.68 9.88
CA THR A 469 -12.31 -8.77 9.20
C THR A 469 -12.55 -9.98 10.11
N ASN A 470 -13.68 -10.64 9.90
CA ASN A 470 -14.02 -11.81 10.68
C ASN A 470 -13.69 -13.09 9.92
N ASN A 471 -13.16 -12.94 8.71
CA ASN A 471 -12.80 -14.09 7.89
C ASN A 471 -11.28 -14.12 7.75
N ASN A 472 -10.62 -14.68 8.76
CA ASN A 472 -9.17 -14.75 8.76
C ASN A 472 -8.65 -16.08 8.23
N TYR A 473 -9.50 -17.12 8.30
CA TYR A 473 -9.12 -18.44 7.86
C TYR A 473 -7.85 -18.87 8.60
N SER A 474 -7.79 -18.53 9.88
CA SER A 474 -6.66 -18.85 10.74
C SER A 474 -6.87 -20.14 11.51
N ASN A 475 -5.81 -20.61 12.15
CA ASN A 475 -5.85 -21.84 12.94
C ASN A 475 -4.79 -21.71 14.03
N ASN A 476 -5.22 -21.57 15.29
CA ASN A 476 -4.27 -21.42 16.40
C ASN A 476 -3.56 -22.72 16.76
N HIS A 477 -3.76 -23.75 15.95
CA HIS A 477 -3.10 -25.04 16.15
C HIS A 477 -3.33 -25.71 17.49
N GLY A 478 -4.32 -25.26 18.25
CA GLY A 478 -4.58 -25.91 19.53
C GLY A 478 -4.87 -24.97 20.68
N LYS A 479 -4.07 -23.92 20.83
CA LYS A 479 -4.33 -22.99 21.90
C LYS A 479 -4.26 -21.58 21.35
N GLU A 480 -5.13 -20.72 21.89
CA GLU A 480 -5.19 -19.33 21.47
C GLU A 480 -3.97 -18.62 22.07
N GLY A 481 -3.23 -17.88 21.24
CA GLY A 481 -2.08 -17.16 21.76
C GLY A 481 -0.71 -17.66 21.35
N LEU A 482 0.29 -16.79 21.48
CA LEU A 482 1.68 -17.12 21.15
C LEU A 482 2.23 -18.10 22.18
N GLY A 483 3.29 -18.81 21.82
CA GLY A 483 3.86 -19.76 22.76
C GLY A 483 3.00 -20.96 23.08
N GLY A 484 3.58 -21.89 23.84
CA GLY A 484 2.88 -23.11 24.20
C GLY A 484 3.90 -24.23 24.22
N SER A 485 3.44 -25.47 24.21
CA SER A 485 4.35 -26.60 24.22
C SER A 485 5.26 -26.60 22.99
N LEU A 486 6.38 -27.32 23.10
CA LEU A 486 7.33 -27.40 22.01
C LEU A 486 6.62 -27.98 20.79
N ASP A 487 5.66 -28.87 21.03
CA ASP A 487 4.91 -29.46 19.92
C ASP A 487 4.13 -28.38 19.17
N LEU A 488 3.41 -27.54 19.92
CA LEU A 488 2.63 -26.47 19.33
C LEU A 488 3.55 -25.58 18.52
N VAL A 489 4.74 -25.33 19.04
CA VAL A 489 5.69 -24.49 18.35
C VAL A 489 6.18 -25.11 17.05
N GLU A 490 6.44 -26.41 17.08
CA GLU A 490 6.96 -27.08 15.89
C GLU A 490 5.86 -27.32 14.85
N ARG A 491 4.65 -27.61 15.33
CA ARG A 491 3.53 -27.84 14.42
C ARG A 491 3.22 -26.58 13.61
N ARG A 492 3.28 -25.40 14.23
CA ARG A 492 2.99 -24.21 13.44
C ARG A 492 4.18 -23.70 12.67
N ARG A 493 5.37 -24.16 13.04
CA ARG A 493 6.55 -23.75 12.31
C ARG A 493 6.47 -24.44 10.94
N ASP A 494 5.87 -25.63 10.90
CA ASP A 494 5.70 -26.35 9.64
C ASP A 494 4.70 -25.62 8.74
N SER A 495 3.65 -25.04 9.33
CA SER A 495 2.66 -24.32 8.57
C SER A 495 3.25 -23.00 8.08
N ILE A 496 3.98 -22.32 8.97
CA ILE A 496 4.59 -21.05 8.58
C ILE A 496 5.56 -21.27 7.41
N HIS A 497 6.32 -22.37 7.46
CA HIS A 497 7.27 -22.71 6.39
C HIS A 497 6.51 -22.99 5.09
N ALA A 498 5.39 -23.66 5.22
CA ALA A 498 4.55 -24.02 4.10
C ALA A 498 3.88 -22.80 3.47
N LEU A 499 3.38 -21.89 4.31
CA LEU A 499 2.71 -20.69 3.80
C LEU A 499 3.71 -19.75 3.15
N LEU A 500 4.90 -19.66 3.75
CA LEU A 500 5.98 -18.81 3.23
C LEU A 500 6.46 -19.37 1.89
N THR A 501 6.54 -20.70 1.78
CA THR A 501 6.97 -21.34 0.54
C THR A 501 5.93 -21.16 -0.56
N THR A 502 4.66 -21.27 -0.18
CA THR A 502 3.55 -21.09 -1.12
C THR A 502 3.65 -19.69 -1.74
N LEU A 503 3.85 -18.70 -0.88
CA LEU A 503 3.99 -17.31 -1.27
C LEU A 503 5.18 -17.02 -2.19
N LEU A 504 6.38 -17.33 -1.72
CA LEU A 504 7.60 -17.02 -2.48
C LEU A 504 7.90 -17.94 -3.67
N LEU A 505 7.18 -19.05 -3.80
CA LEU A 505 7.42 -19.96 -4.92
C LEU A 505 6.27 -20.02 -5.92
N SER A 506 5.16 -19.34 -5.63
CA SER A 506 4.02 -19.35 -6.53
C SER A 506 4.27 -18.44 -7.72
N GLN A 507 3.68 -18.78 -8.86
CA GLN A 507 3.86 -17.95 -10.05
C GLN A 507 3.11 -16.63 -9.85
N GLY A 508 3.76 -15.53 -10.22
CA GLY A 508 3.16 -14.23 -10.06
C GLY A 508 4.16 -13.33 -9.36
N THR A 509 3.72 -12.16 -8.90
CA THR A 509 4.61 -11.26 -8.20
C THR A 509 4.40 -11.42 -6.71
N PRO A 510 5.43 -11.89 -5.99
CA PRO A 510 5.32 -12.10 -4.55
C PRO A 510 5.47 -10.83 -3.72
N MET A 511 4.58 -10.66 -2.74
CA MET A 511 4.70 -9.52 -1.83
C MET A 511 4.80 -10.14 -0.43
N LEU A 512 5.92 -9.89 0.24
CA LEU A 512 6.18 -10.39 1.59
C LEU A 512 5.96 -9.24 2.56
N LEU A 513 5.25 -9.51 3.65
CA LEU A 513 4.97 -8.50 4.68
C LEU A 513 6.14 -8.41 5.65
N ALA A 514 6.71 -7.21 5.78
CA ALA A 514 7.84 -6.99 6.69
C ALA A 514 7.56 -7.60 8.05
N GLY A 515 8.53 -8.36 8.58
CA GLY A 515 8.36 -8.97 9.87
C GLY A 515 7.87 -10.42 9.79
N ASP A 516 7.31 -10.81 8.66
CA ASP A 516 6.84 -12.17 8.49
C ASP A 516 8.01 -13.13 8.32
N GLU A 517 9.19 -12.60 7.97
CA GLU A 517 10.37 -13.43 7.79
C GLU A 517 10.93 -13.83 9.14
N HIS A 518 10.55 -13.12 10.19
CA HIS A 518 11.12 -13.41 11.50
C HIS A 518 10.18 -13.57 12.68
N GLY A 519 8.92 -13.90 12.42
CA GLY A 519 7.98 -14.10 13.51
C GLY A 519 7.30 -12.88 14.11
N HIS A 520 7.18 -11.81 13.33
CA HIS A 520 6.50 -10.63 13.86
C HIS A 520 5.05 -10.91 14.19
N SER A 521 4.61 -10.45 15.36
CA SER A 521 3.24 -10.65 15.81
C SER A 521 2.59 -9.34 16.21
N GLN A 522 1.26 -9.26 16.09
CA GLN A 522 0.53 -8.07 16.52
C GLN A 522 -0.35 -8.54 17.68
N HIS A 523 0.03 -9.68 18.25
CA HIS A 523 -0.68 -10.27 19.40
C HIS A 523 -2.17 -10.48 19.23
N GLY A 524 -2.59 -10.91 18.04
CA GLY A 524 -4.00 -11.15 17.84
C GLY A 524 -4.80 -10.00 17.26
N ASN A 525 -4.24 -8.79 17.26
CA ASN A 525 -4.96 -7.65 16.69
C ASN A 525 -4.84 -7.83 15.17
N ASN A 526 -5.96 -7.81 14.47
CA ASN A 526 -5.92 -8.00 13.02
C ASN A 526 -6.33 -6.77 12.23
N ASN A 527 -6.31 -5.62 12.91
CA ASN A 527 -6.68 -4.35 12.29
C ASN A 527 -5.99 -3.24 13.10
N ALA A 528 -4.65 -3.32 13.18
CA ALA A 528 -3.82 -2.40 13.95
C ALA A 528 -3.58 -1.03 13.32
N TYR A 529 -4.55 -0.55 12.56
CA TYR A 529 -4.44 0.73 11.85
C TYR A 529 -4.23 1.94 12.77
N CYS A 530 -4.65 1.80 14.02
CA CYS A 530 -4.55 2.90 14.98
C CYS A 530 -3.59 2.63 16.13
N GLN A 531 -2.65 1.72 15.91
CA GLN A 531 -1.68 1.36 16.95
C GLN A 531 -0.24 1.70 16.61
N ASP A 532 0.22 2.84 17.12
CA ASP A 532 1.59 3.27 16.92
C ASP A 532 2.28 2.97 18.25
N ASN A 533 2.73 1.73 18.40
CA ASN A 533 3.37 1.28 19.62
C ASN A 533 3.91 -0.12 19.38
N GLN A 534 4.31 -0.81 20.45
CA GLN A 534 4.81 -2.18 20.30
C GLN A 534 3.62 -2.92 19.74
N LEU A 535 3.78 -4.19 19.42
CA LEU A 535 2.62 -4.92 18.88
C LEU A 535 2.43 -4.55 17.40
N THR A 536 3.06 -3.46 16.99
CA THR A 536 3.01 -3.02 15.60
C THR A 536 4.45 -2.82 15.10
N TRP A 537 5.29 -2.14 15.89
CA TRP A 537 6.67 -1.92 15.48
C TRP A 537 7.42 -3.25 15.40
N LEU A 538 8.33 -3.37 14.45
CA LEU A 538 9.10 -4.60 14.29
C LEU A 538 10.08 -4.74 15.46
N ASP A 539 9.99 -5.86 16.19
CA ASP A 539 10.88 -6.08 17.32
C ASP A 539 12.07 -6.94 16.87
N TRP A 540 13.13 -6.27 16.44
CA TRP A 540 14.31 -6.97 15.97
C TRP A 540 15.08 -7.73 17.03
N SER A 541 15.19 -7.14 18.23
CA SER A 541 15.92 -7.81 19.30
C SER A 541 15.27 -9.16 19.60
N GLN A 542 14.05 -9.38 19.10
CA GLN A 542 13.34 -10.66 19.32
C GLN A 542 13.08 -11.40 18.01
N ALA A 543 13.55 -10.85 16.91
CA ALA A 543 13.36 -11.45 15.59
C ALA A 543 14.05 -12.81 15.49
N SER A 544 13.47 -13.71 14.71
CA SER A 544 14.04 -15.05 14.53
C SER A 544 15.04 -15.10 13.36
N SER A 545 16.30 -15.37 13.67
CA SER A 545 17.32 -15.43 12.63
C SER A 545 17.13 -16.65 11.77
N GLY A 546 16.62 -17.71 12.38
CA GLY A 546 16.40 -18.95 11.64
C GLY A 546 15.37 -18.78 10.54
N LEU A 547 14.21 -18.22 10.89
CA LEU A 547 13.15 -18.02 9.90
C LEU A 547 13.58 -17.02 8.84
N THR A 548 14.38 -16.03 9.25
CA THR A 548 14.87 -15.03 8.29
C THR A 548 15.69 -15.70 7.22
N ALA A 549 16.66 -16.50 7.64
CA ALA A 549 17.51 -17.22 6.68
C ALA A 549 16.64 -18.16 5.85
N PHE A 550 15.66 -18.79 6.50
CA PHE A 550 14.76 -19.71 5.81
C PHE A 550 14.03 -18.94 4.70
N THR A 551 13.62 -17.72 5.01
CA THR A 551 12.91 -16.90 4.05
C THR A 551 13.86 -16.42 2.95
N ALA A 552 15.06 -15.98 3.33
CA ALA A 552 16.02 -15.50 2.34
C ALA A 552 16.42 -16.59 1.34
N ALA A 553 16.53 -17.83 1.82
CA ALA A 553 16.91 -18.93 0.93
C ALA A 553 15.81 -19.16 -0.10
N LEU A 554 14.56 -19.04 0.35
CA LEU A 554 13.41 -19.23 -0.51
C LEU A 554 13.43 -18.20 -1.63
N ILE A 555 13.64 -16.94 -1.27
CA ILE A 555 13.66 -15.87 -2.26
C ILE A 555 14.77 -16.03 -3.28
N HIS A 556 15.95 -16.48 -2.83
CA HIS A 556 17.07 -16.66 -3.76
C HIS A 556 16.90 -17.91 -4.58
N LEU A 557 16.15 -18.88 -4.06
CA LEU A 557 15.90 -20.10 -4.81
C LEU A 557 15.03 -19.71 -5.99
N ARG A 558 13.97 -18.95 -5.70
CA ARG A 558 13.03 -18.49 -6.72
C ARG A 558 13.74 -17.93 -7.96
N LYS A 559 14.70 -17.03 -7.73
CA LYS A 559 15.43 -16.41 -8.82
C LYS A 559 16.10 -17.44 -9.73
N ARG A 560 16.33 -18.65 -9.23
CA ARG A 560 16.96 -19.74 -9.98
C ARG A 560 15.97 -20.65 -10.72
N ILE A 561 14.67 -20.47 -10.52
CA ILE A 561 13.69 -21.32 -11.20
C ILE A 561 13.13 -20.60 -12.41
N PRO A 562 13.46 -21.07 -13.61
CA PRO A 562 13.00 -20.48 -14.87
C PRO A 562 11.49 -20.26 -14.98
N ALA A 563 10.70 -21.21 -14.50
CA ALA A 563 9.25 -21.07 -14.61
C ALA A 563 8.67 -19.90 -13.79
N LEU A 564 9.43 -19.42 -12.81
CA LEU A 564 8.93 -18.33 -11.98
C LEU A 564 9.48 -16.95 -12.36
N VAL A 565 10.59 -16.93 -13.10
CA VAL A 565 11.20 -15.66 -13.47
C VAL A 565 10.96 -15.20 -14.91
N GLU A 566 10.54 -16.11 -15.78
CA GLU A 566 10.33 -15.75 -17.16
C GLU A 566 9.04 -14.96 -17.41
N ASN A 567 8.11 -15.03 -16.47
CA ASN A 567 6.85 -14.27 -16.56
C ASN A 567 5.97 -14.56 -17.79
N ARG A 568 5.83 -15.84 -18.10
CA ARG A 568 5.03 -16.31 -19.23
C ARG A 568 4.01 -17.33 -18.72
N TRP A 569 2.80 -17.29 -19.26
CA TRP A 569 1.78 -18.25 -18.84
C TRP A 569 2.25 -19.65 -19.18
N TRP A 570 1.95 -20.60 -18.30
CA TRP A 570 2.36 -21.97 -18.54
C TRP A 570 1.33 -22.70 -19.38
N GLU A 571 1.79 -23.45 -20.37
CA GLU A 571 0.88 -24.20 -21.23
C GLU A 571 1.09 -25.69 -21.04
N GLU A 572 -0.02 -26.42 -20.96
CA GLU A 572 -0.03 -27.86 -20.79
C GLU A 572 1.09 -28.54 -21.58
N GLY A 573 2.02 -29.18 -20.86
CA GLY A 573 3.11 -29.87 -21.52
C GLY A 573 4.28 -29.04 -22.03
N ASP A 574 4.27 -27.73 -21.84
CA ASP A 574 5.38 -26.91 -22.33
C ASP A 574 6.67 -27.06 -21.51
N GLY A 575 6.62 -27.88 -20.47
CA GLY A 575 7.80 -28.09 -19.63
C GLY A 575 7.93 -27.26 -18.37
N ASN A 576 7.22 -26.12 -18.30
CA ASN A 576 7.29 -25.26 -17.13
C ASN A 576 6.82 -25.95 -15.85
N VAL A 577 5.78 -26.77 -15.95
CA VAL A 577 5.26 -27.45 -14.77
C VAL A 577 4.52 -28.73 -15.08
N ARG A 578 4.48 -29.62 -14.08
CA ARG A 578 3.77 -30.89 -14.16
C ARG A 578 3.16 -31.10 -12.79
N TRP A 579 1.90 -31.55 -12.75
CA TRP A 579 1.23 -31.79 -11.49
C TRP A 579 1.15 -33.30 -11.30
N LEU A 580 1.77 -33.78 -10.22
CA LEU A 580 1.80 -35.21 -9.94
C LEU A 580 1.17 -35.55 -8.59
N ASN A 581 0.57 -36.75 -8.49
CA ASN A 581 -0.06 -37.18 -7.25
C ASN A 581 0.98 -37.80 -6.32
N ARG A 582 0.52 -38.46 -5.27
CA ARG A 582 1.40 -39.07 -4.28
C ARG A 582 2.22 -40.22 -4.84
N TYR A 583 1.87 -40.70 -6.02
CA TYR A 583 2.61 -41.81 -6.63
C TYR A 583 3.49 -41.30 -7.76
N ALA A 584 3.57 -39.98 -7.91
CA ALA A 584 4.37 -39.36 -8.95
C ALA A 584 3.69 -39.52 -10.32
N GLN A 585 2.37 -39.64 -10.30
CA GLN A 585 1.59 -39.79 -11.52
C GLN A 585 0.73 -38.55 -11.78
N PRO A 586 0.50 -38.21 -13.06
CA PRO A 586 -0.31 -37.05 -13.40
C PRO A 586 -1.69 -37.22 -12.76
N LEU A 587 -2.11 -36.22 -11.99
CA LEU A 587 -3.40 -36.28 -11.33
C LEU A 587 -4.52 -36.52 -12.35
N SER A 588 -5.49 -37.33 -11.94
CA SER A 588 -6.63 -37.64 -12.79
C SER A 588 -7.78 -36.70 -12.45
N THR A 589 -8.90 -36.86 -13.14
CA THR A 589 -10.06 -36.01 -12.92
C THR A 589 -10.55 -36.05 -11.47
N ASP A 590 -10.77 -37.24 -10.94
CA ASP A 590 -11.23 -37.38 -9.56
C ASP A 590 -10.27 -36.68 -8.60
N GLU A 591 -9.03 -37.15 -8.58
CA GLU A 591 -7.99 -36.60 -7.70
C GLU A 591 -8.01 -35.08 -7.54
N TRP A 592 -8.35 -34.37 -8.61
CA TRP A 592 -8.42 -32.91 -8.56
C TRP A 592 -9.63 -32.42 -7.78
N GLN A 593 -10.68 -33.23 -7.78
CA GLN A 593 -11.92 -32.86 -7.11
C GLN A 593 -11.98 -33.22 -5.62
N ASN A 594 -11.94 -34.51 -5.31
CA ASN A 594 -12.01 -34.93 -3.92
C ASN A 594 -10.86 -35.85 -3.50
N GLY A 595 -9.74 -35.79 -4.21
CA GLY A 595 -8.59 -36.63 -3.87
C GLY A 595 -7.86 -36.05 -2.67
N PRO A 596 -7.06 -36.85 -1.96
CA PRO A 596 -6.33 -36.30 -0.80
C PRO A 596 -5.48 -35.10 -1.21
N LYS A 597 -5.38 -34.12 -0.33
CA LYS A 597 -4.61 -32.91 -0.63
C LYS A 597 -3.11 -33.14 -0.58
N GLN A 598 -2.60 -33.88 -1.56
CA GLN A 598 -1.18 -34.14 -1.64
C GLN A 598 -0.81 -34.10 -3.10
N LEU A 599 0.27 -33.40 -3.43
CA LEU A 599 0.70 -33.36 -4.81
C LEU A 599 2.14 -32.92 -4.90
N GLN A 600 2.70 -33.03 -6.08
CA GLN A 600 4.07 -32.61 -6.32
C GLN A 600 4.04 -31.63 -7.47
N ILE A 601 4.81 -30.56 -7.36
CA ILE A 601 4.85 -29.55 -8.40
C ILE A 601 6.29 -29.45 -8.91
N LEU A 602 6.61 -30.04 -10.05
CA LEU A 602 7.97 -29.89 -10.54
C LEU A 602 8.01 -28.85 -11.64
N LEU A 603 8.83 -27.84 -11.42
CA LEU A 603 8.98 -26.71 -12.33
C LEU A 603 10.28 -26.84 -13.12
N SER A 604 10.23 -26.41 -14.38
CA SER A 604 11.39 -26.44 -15.27
C SER A 604 12.09 -27.79 -15.14
N ASP A 605 11.31 -28.80 -14.79
CA ASP A 605 11.73 -30.19 -14.60
C ASP A 605 13.03 -30.50 -13.83
N ARG A 606 13.45 -29.57 -12.97
CA ARG A 606 14.67 -29.78 -12.19
C ARG A 606 14.37 -29.48 -10.72
N PHE A 607 13.24 -28.82 -10.47
CA PHE A 607 12.83 -28.45 -9.13
C PHE A 607 11.48 -29.08 -8.79
N LEU A 608 11.37 -29.65 -7.60
CA LEU A 608 10.12 -30.27 -7.21
C LEU A 608 9.64 -29.86 -5.83
N ILE A 609 8.36 -29.50 -5.74
CA ILE A 609 7.76 -29.10 -4.48
C ILE A 609 6.81 -30.22 -4.05
N ALA A 610 7.09 -30.86 -2.92
CA ALA A 610 6.24 -31.95 -2.41
C ALA A 610 5.29 -31.39 -1.37
N ILE A 611 3.99 -31.60 -1.58
CA ILE A 611 2.95 -31.08 -0.70
C ILE A 611 2.12 -32.14 0.05
N ASN A 612 2.02 -32.00 1.36
CA ASN A 612 1.19 -32.90 2.15
C ASN A 612 0.26 -32.03 2.97
N ALA A 613 -0.81 -31.57 2.36
CA ALA A 613 -1.76 -30.70 3.06
C ALA A 613 -2.85 -31.48 3.79
N THR A 614 -2.48 -32.60 4.40
CA THR A 614 -3.44 -33.40 5.16
C THR A 614 -3.01 -33.30 6.62
N LEU A 615 -3.72 -33.98 7.51
CA LEU A 615 -3.38 -33.91 8.92
C LEU A 615 -2.51 -35.05 9.45
N GLU A 616 -2.09 -35.94 8.56
CA GLU A 616 -1.23 -37.03 9.01
C GLU A 616 0.00 -37.20 8.13
N VAL A 617 1.13 -37.48 8.78
CA VAL A 617 2.39 -37.69 8.09
C VAL A 617 2.14 -38.76 7.02
N THR A 618 2.57 -38.52 5.79
CA THR A 618 2.37 -39.51 4.73
C THR A 618 3.64 -39.73 3.92
N GLU A 619 3.57 -40.66 2.97
CA GLU A 619 4.70 -40.96 2.12
C GLU A 619 4.36 -40.57 0.69
N ILE A 620 5.26 -39.84 0.06
CA ILE A 620 5.07 -39.37 -1.30
C ILE A 620 6.21 -39.88 -2.17
N VAL A 621 5.88 -40.65 -3.19
CA VAL A 621 6.89 -41.20 -4.09
C VAL A 621 7.29 -40.17 -5.14
N LEU A 622 8.54 -39.74 -5.12
CA LEU A 622 9.00 -38.73 -6.08
C LEU A 622 9.19 -39.30 -7.49
N PRO A 623 9.16 -38.42 -8.52
CA PRO A 623 9.33 -38.83 -9.91
C PRO A 623 10.72 -39.37 -10.21
N ALA A 624 10.93 -39.80 -11.45
CA ALA A 624 12.21 -40.36 -11.88
C ALA A 624 13.35 -39.36 -11.68
N GLY A 625 14.55 -39.88 -11.44
CA GLY A 625 15.70 -39.04 -11.21
C GLY A 625 16.21 -39.13 -9.78
N GLU A 626 17.33 -38.46 -9.52
CA GLU A 626 17.92 -38.46 -8.18
C GLU A 626 17.63 -37.09 -7.57
N TRP A 627 16.65 -37.06 -6.68
CA TRP A 627 16.24 -35.83 -6.02
C TRP A 627 16.89 -35.60 -4.67
N HIS A 628 17.36 -34.36 -4.46
CA HIS A 628 18.00 -33.96 -3.23
C HIS A 628 17.28 -32.76 -2.66
N ALA A 629 16.99 -32.78 -1.36
CA ALA A 629 16.33 -31.66 -0.74
C ALA A 629 17.34 -30.52 -0.84
N ILE A 630 16.85 -29.29 -0.95
CA ILE A 630 17.73 -28.14 -1.06
C ILE A 630 17.34 -27.07 -0.04
N PRO A 631 18.24 -26.13 0.21
CA PRO A 631 17.99 -25.05 1.17
C PRO A 631 16.71 -24.28 0.84
N PRO A 632 15.86 -24.07 1.85
CA PRO A 632 16.31 -24.07 3.24
C PRO A 632 15.89 -25.35 3.97
N PHE A 633 15.26 -26.26 3.24
CA PHE A 633 14.83 -27.54 3.81
C PHE A 633 15.95 -28.52 4.17
N ALA A 634 17.12 -28.32 3.58
CA ALA A 634 18.27 -29.16 3.85
C ALA A 634 19.51 -28.31 3.68
N GLY A 635 20.65 -28.83 4.13
CA GLY A 635 21.89 -28.09 4.00
C GLY A 635 22.35 -28.06 2.55
N GLU A 636 23.26 -27.16 2.20
CA GLU A 636 23.72 -27.11 0.83
C GLU A 636 24.51 -28.38 0.57
N ASP A 637 24.73 -28.71 -0.69
CA ASP A 637 25.48 -29.91 -1.03
C ASP A 637 24.94 -31.13 -0.28
N ASN A 638 23.62 -31.22 -0.18
CA ASN A 638 22.98 -32.34 0.50
C ASN A 638 23.18 -33.64 -0.27
N PRO A 639 23.74 -34.67 0.36
CA PRO A 639 23.95 -35.94 -0.35
C PRO A 639 22.78 -36.93 -0.26
N VAL A 640 21.78 -36.62 0.57
CA VAL A 640 20.66 -37.52 0.72
C VAL A 640 19.78 -37.54 -0.54
N ILE A 641 19.57 -38.73 -1.11
CA ILE A 641 18.73 -38.87 -2.28
C ILE A 641 17.38 -39.33 -1.77
N THR A 642 16.33 -38.60 -2.08
CA THR A 642 15.00 -38.95 -1.61
C THR A 642 14.19 -39.61 -2.72
N ALA A 643 13.80 -40.86 -2.51
CA ALA A 643 13.02 -41.63 -3.47
C ALA A 643 11.56 -41.56 -3.01
N VAL A 644 11.38 -41.67 -1.70
CA VAL A 644 10.07 -41.59 -1.08
C VAL A 644 10.19 -40.57 0.05
N TRP A 645 9.37 -39.52 -0.02
CA TRP A 645 9.41 -38.47 0.99
C TRP A 645 8.47 -38.73 2.16
N GLN A 646 9.01 -38.63 3.38
CA GLN A 646 8.24 -38.81 4.60
C GLN A 646 7.73 -37.43 4.93
N GLY A 647 6.54 -37.10 4.46
CA GLY A 647 6.02 -35.77 4.68
C GLY A 647 5.27 -35.46 5.97
N PRO A 648 5.63 -34.36 6.63
CA PRO A 648 4.98 -33.94 7.87
C PRO A 648 3.55 -33.50 7.55
N ALA A 649 2.69 -33.54 8.55
CA ALA A 649 1.31 -33.11 8.38
C ALA A 649 1.35 -31.63 8.03
N HIS A 650 0.41 -31.21 7.18
CA HIS A 650 0.33 -29.82 6.70
C HIS A 650 1.70 -29.17 6.49
N GLY A 651 2.56 -29.88 5.77
CA GLY A 651 3.90 -29.38 5.48
C GLY A 651 4.33 -29.63 4.04
N LEU A 652 5.53 -29.19 3.70
CA LEU A 652 6.05 -29.38 2.35
C LEU A 652 7.58 -29.34 2.35
N CYS A 653 8.19 -29.71 1.23
CA CYS A 653 9.64 -29.71 1.13
C CYS A 653 10.00 -29.54 -0.35
N VAL A 654 11.12 -28.90 -0.65
CA VAL A 654 11.48 -28.73 -2.05
C VAL A 654 12.77 -29.46 -2.39
N PHE A 655 12.77 -30.08 -3.56
CA PHE A 655 13.90 -30.85 -4.04
C PHE A 655 14.43 -30.33 -5.38
N GLN A 656 15.59 -30.84 -5.77
CA GLN A 656 16.21 -30.46 -7.03
C GLN A 656 16.97 -31.67 -7.54
N ARG A 657 17.01 -31.85 -8.86
CA ARG A 657 17.73 -32.96 -9.44
C ARG A 657 18.75 -32.45 -10.46
#